data_2Z2P
#
_entry.id   2Z2P
#
_cell.length_a   70.999
_cell.length_b   93.700
_cell.length_c   95.301
_cell.angle_alpha   90.00
_cell.angle_beta   90.00
_cell.angle_gamma   90.00
#
_symmetry.space_group_name_H-M   'P 21 21 21'
#
loop_
_entity.id
_entity.type
_entity.pdbx_description
1 polymer 'Virginiamycin B lyase'
2 polymer Quinupristin
3 non-polymer 'MAGNESIUM ION'
4 non-polymer 5-(2-DIETHYLAMINO-ETHANESULFONYL)-21-HYDROXY-10-ISOPROPYL-11,19-DIMETHYL-9,26-DIOXA-3,15,28-TRIAZA-TRICYCLO[23.2.1.00,255]OCTACOSA-1(27),12,17,19,25(28)-PENTAENE-2,8,14,23-TETRAONE
#
loop_
_entity_poly.entity_id
_entity_poly.type
_entity_poly.pdbx_seq_one_letter_code
_entity_poly.pdbx_strand_id
1 'polypeptide(L)'
;MEFKLQELNLTNQDTGPYGITVSDKGKVWITQHKANMISCINLDGKITEYELPNKGAKVMCLTISSDGEVWFTENAANKI
GRITKKGIIKEYTLPNPDSAPYGITEGPNGDIWFTEMNGNRIGRITDDGKIREYELPNKGSYPSFITLGSDNALWFTENQ
NNAIGRITESGDITEFKIPTPASGPVGITKGNDDALWFVEIIGNKIGRITTSGEITEFKIPTPNARPHAITAGAGIDLWF
TEWGANKIGRLTSNNIIEEYPIQIKSAEPAGICFDGETIWFAMECDKIGKLTLIKDNME
;
A,B
2 'polypeptide(L)' (MHW)T(DBB)P(MHU)(MHV)(004)(MHT) C,D
#
loop_
_chem_comp.id
_chem_comp.type
_chem_comp.name
_chem_comp.formula
DOL non-polymer 5-(2-DIETHYLAMINO-ETHANESULFONYL)-21-HYDROXY-10-ISOPROPYL-11,19-DIMETHYL-9,26-DIOXA-3,15,28-TRIAZA-TRICYCLO[23.2.1.00,255]OCTACOSA-1(27),12,17,19,25(28)-PENTAENE-2,8,14,23-TETRAONE 'C34 H50 N4 O9 S'
MG non-polymer 'MAGNESIUM ION' 'Mg 2'
MHT non-polymer (3S)-3-(methylsulfanyl)-1-azabicyclo[2.2.2]octane 'C8 H15 N S'
#
# COMPACT_ATOMS: atom_id res chain seq x y z
N GLU A 2 -4.48 30.81 -9.36
CA GLU A 2 -5.43 29.80 -8.84
C GLU A 2 -5.22 28.48 -9.57
N PHE A 3 -6.25 28.04 -10.28
CA PHE A 3 -6.21 26.80 -11.05
C PHE A 3 -6.63 27.06 -12.49
N LYS A 4 -6.48 26.05 -13.33
CA LYS A 4 -6.88 26.10 -14.72
C LYS A 4 -7.50 24.87 -15.35
N LEU A 5 -8.54 25.06 -16.13
CA LEU A 5 -9.39 23.95 -16.56
C LEU A 5 -9.33 23.69 -18.06
N GLN A 6 -8.77 22.53 -18.42
CA GLN A 6 -8.66 22.11 -19.81
C GLN A 6 -9.39 20.78 -20.03
N GLU A 7 -10.24 20.75 -21.05
CA GLU A 7 -10.98 19.55 -21.39
C GLU A 7 -10.51 18.92 -22.68
N LEU A 8 -10.02 17.69 -22.57
CA LEU A 8 -9.60 16.89 -23.72
C LEU A 8 -10.83 16.21 -24.32
N ASN A 9 -11.07 16.46 -25.61
CA ASN A 9 -12.15 15.82 -26.35
C ASN A 9 -11.71 14.48 -26.90
N LEU A 10 -12.54 13.45 -26.71
CA LEU A 10 -12.24 12.11 -27.19
C LEU A 10 -12.60 12.00 -28.67
N THR A 11 -11.97 11.05 -29.37
CA THR A 11 -12.24 10.82 -30.79
C THR A 11 -13.37 9.82 -31.01
N ASN A 12 -13.39 8.75 -30.22
CA ASN A 12 -14.59 7.94 -30.04
C ASN A 12 -15.68 8.82 -29.41
N GLN A 13 -16.84 8.89 -30.07
CA GLN A 13 -17.92 9.77 -29.60
C GLN A 13 -19.10 8.98 -29.05
N ASP A 14 -18.97 7.67 -29.08
CA ASP A 14 -20.03 6.75 -28.67
C ASP A 14 -20.18 6.63 -27.14
N THR A 15 -19.25 6.82 -26.33
CA THR A 15 -18.51 5.93 -25.43
C THR A 15 -18.90 6.10 -23.97
N GLY A 16 -19.00 7.36 -23.47
CA GLY A 16 -19.45 7.52 -22.09
C GLY A 16 -18.40 7.32 -21.02
N PRO A 17 -17.46 8.25 -20.90
CA PRO A 17 -16.33 8.13 -19.98
C PRO A 17 -16.77 8.33 -18.54
N TYR A 18 -16.42 7.38 -17.65
CA TYR A 18 -17.13 7.32 -16.38
C TYR A 18 -16.20 7.15 -15.16
N GLY A 19 -15.39 6.11 -15.18
CA GLY A 19 -14.42 5.88 -14.11
C GLY A 19 -13.05 6.23 -14.63
N ILE A 20 -12.27 6.92 -13.81
CA ILE A 20 -10.93 7.31 -14.21
C ILE A 20 -9.88 6.94 -13.15
N THR A 21 -8.69 6.58 -13.61
CA THR A 21 -7.56 6.29 -12.71
C THR A 21 -6.23 6.58 -13.41
N VAL A 22 -5.20 6.85 -12.63
CA VAL A 22 -3.84 7.06 -13.16
C VAL A 22 -2.90 6.01 -12.58
N SER A 23 -1.68 5.92 -13.10
CA SER A 23 -0.79 4.81 -12.74
C SER A 23 0.59 5.25 -12.21
N ASP A 24 1.55 4.32 -12.26
CA ASP A 24 2.95 4.55 -11.87
C ASP A 24 3.75 5.18 -13.01
N LYS A 25 3.02 5.71 -13.99
CA LYS A 25 3.40 6.88 -14.73
C LYS A 25 2.11 7.69 -14.81
N GLY A 26 2.08 8.74 -15.60
CA GLY A 26 0.84 9.46 -15.84
C GLY A 26 -0.01 8.79 -16.89
N LYS A 27 -0.23 7.47 -16.78
CA LYS A 27 -1.17 6.81 -17.69
C LYS A 27 -2.55 6.83 -17.07
N VAL A 28 -3.48 7.49 -17.77
CA VAL A 28 -4.86 7.56 -17.31
C VAL A 28 -5.74 6.51 -17.98
N TRP A 29 -6.46 5.75 -17.15
CA TRP A 29 -7.37 4.71 -17.64
C TRP A 29 -8.82 5.12 -17.39
N ILE A 30 -9.65 5.05 -18.43
CA ILE A 30 -11.06 5.37 -18.32
C ILE A 30 -11.93 4.17 -18.66
N THR A 31 -13.04 4.02 -17.94
CA THR A 31 -14.09 3.09 -18.32
C THR A 31 -15.08 3.82 -19.22
N GLN A 32 -15.54 3.14 -20.27
CA GLN A 32 -16.50 3.71 -21.20
C GLN A 32 -17.70 2.78 -21.34
N HIS A 33 -18.78 3.12 -20.64
CA HIS A 33 -19.91 2.20 -20.47
C HIS A 33 -20.85 2.05 -21.67
N LYS A 34 -20.76 2.97 -22.63
CA LYS A 34 -21.57 2.87 -23.83
C LYS A 34 -20.80 2.08 -24.89
N ALA A 35 -19.52 2.44 -25.05
CA ALA A 35 -18.65 1.76 -26.00
C ALA A 35 -18.39 0.33 -25.58
N ASN A 36 -18.63 0.04 -24.30
CA ASN A 36 -18.36 -1.26 -23.68
C ASN A 36 -16.89 -1.63 -23.74
N MET A 37 -16.04 -0.65 -23.43
CA MET A 37 -14.59 -0.81 -23.53
C MET A 37 -13.84 0.03 -22.50
N ILE A 38 -12.55 -0.26 -22.34
CA ILE A 38 -11.67 0.52 -21.48
C ILE A 38 -10.51 1.07 -22.30
N SER A 39 -10.32 2.39 -22.23
CA SER A 39 -9.24 3.05 -22.95
C SER A 39 -8.17 3.56 -22.00
N CYS A 40 -6.95 3.68 -22.52
CA CYS A 40 -5.83 4.26 -21.79
C CYS A 40 -5.17 5.35 -22.63
N ILE A 41 -4.95 6.51 -22.02
CA ILE A 41 -4.28 7.61 -22.70
C ILE A 41 -2.81 7.67 -22.26
N ASN A 42 -1.91 7.32 -23.18
CA ASN A 42 -0.48 7.32 -22.91
C ASN A 42 0.05 8.68 -22.50
N LEU A 43 1.11 8.69 -21.69
CA LEU A 43 1.64 9.91 -21.07
C LEU A 43 1.64 11.12 -22.00
N ASP A 44 1.97 10.86 -23.26
CA ASP A 44 2.11 11.88 -24.29
C ASP A 44 1.39 11.39 -25.55
N GLY A 45 0.06 11.52 -25.59
CA GLY A 45 -0.68 11.31 -26.84
C GLY A 45 -1.68 10.16 -26.98
N LYS A 46 -1.17 8.97 -27.24
CA LYS A 46 -1.93 7.87 -27.84
C LYS A 46 -2.89 7.10 -26.94
N ILE A 47 -4.14 6.98 -27.39
CA ILE A 47 -5.17 6.15 -26.74
C ILE A 47 -4.99 4.69 -27.16
N THR A 48 -5.29 3.77 -26.26
CA THR A 48 -5.37 2.35 -26.60
C THR A 48 -6.61 1.75 -25.96
N GLU A 49 -7.57 1.35 -26.79
CA GLU A 49 -8.83 0.83 -26.28
C GLU A 49 -8.80 -0.68 -26.08
N TYR A 50 -9.56 -1.12 -25.07
CA TYR A 50 -9.70 -2.53 -24.74
C TYR A 50 -11.17 -2.92 -24.83
N GLU A 51 -11.55 -3.38 -26.02
CA GLU A 51 -12.92 -3.74 -26.33
C GLU A 51 -13.30 -5.04 -25.64
N LEU A 52 -14.36 -5.02 -24.84
CA LEU A 52 -14.83 -6.19 -24.11
C LEU A 52 -15.42 -7.25 -25.05
N PRO A 53 -15.28 -8.54 -24.71
CA PRO A 53 -15.74 -9.61 -25.60
C PRO A 53 -17.24 -9.60 -25.88
N ASN A 54 -18.06 -9.40 -24.84
CA ASN A 54 -19.52 -9.39 -24.97
C ASN A 54 -20.11 -8.02 -24.70
N LYS A 55 -21.18 -7.68 -25.44
CA LYS A 55 -21.79 -6.36 -25.37
C LYS A 55 -22.83 -6.22 -24.26
N GLY A 56 -22.93 -5.01 -23.71
CA GLY A 56 -23.92 -4.67 -22.71
C GLY A 56 -23.48 -4.86 -21.27
N ALA A 57 -22.17 -4.82 -21.04
CA ALA A 57 -21.60 -5.09 -19.72
C ALA A 57 -21.77 -3.93 -18.73
N LYS A 58 -21.84 -2.70 -19.25
CA LYS A 58 -21.99 -1.46 -18.46
C LYS A 58 -20.83 -1.26 -17.48
N VAL A 59 -19.63 -1.10 -18.02
CA VAL A 59 -18.40 -0.94 -17.25
C VAL A 59 -18.46 0.31 -16.38
N MET A 60 -18.38 0.12 -15.06
CA MET A 60 -18.50 1.26 -14.15
C MET A 60 -17.17 1.68 -13.53
N CYS A 61 -16.89 1.25 -12.30
CA CYS A 61 -15.68 1.66 -11.62
C CYS A 61 -14.50 0.78 -11.98
N LEU A 62 -13.30 1.32 -11.79
CA LEU A 62 -12.06 0.61 -12.06
C LEU A 62 -10.99 1.08 -11.09
N THR A 63 -9.92 0.30 -10.98
CA THR A 63 -8.79 0.62 -10.10
C THR A 63 -7.54 -0.08 -10.62
N ILE A 64 -6.38 0.52 -10.35
CA ILE A 64 -5.11 -0.09 -10.73
C ILE A 64 -4.53 -0.81 -9.52
N SER A 65 -4.41 -2.13 -9.62
CA SER A 65 -3.93 -2.96 -8.50
C SER A 65 -2.41 -2.83 -8.31
N SER A 66 -1.93 -3.33 -7.18
CA SER A 66 -0.51 -3.26 -6.82
C SER A 66 0.42 -3.99 -7.79
N ASP A 67 -0.08 -5.03 -8.45
CA ASP A 67 0.75 -5.82 -9.37
C ASP A 67 0.56 -5.49 -10.85
N GLY A 68 0.24 -4.22 -11.11
CA GLY A 68 0.14 -3.70 -12.47
C GLY A 68 -1.03 -4.17 -13.29
N GLU A 69 -2.18 -4.36 -12.64
CA GLU A 69 -3.39 -4.80 -13.35
C GLU A 69 -4.55 -3.81 -13.20
N VAL A 70 -5.37 -3.73 -14.24
CA VAL A 70 -6.56 -2.89 -14.24
C VAL A 70 -7.78 -3.78 -13.93
N TRP A 71 -8.38 -3.54 -12.78
CA TRP A 71 -9.57 -4.28 -12.38
C TRP A 71 -10.79 -3.37 -12.53
N PHE A 72 -11.90 -3.95 -12.99
CA PHE A 72 -13.11 -3.19 -13.25
C PHE A 72 -14.34 -4.06 -13.01
N THR A 73 -15.48 -3.43 -12.76
CA THR A 73 -16.74 -4.14 -12.59
C THR A 73 -17.63 -4.02 -13.82
N GLU A 74 -18.41 -5.07 -14.08
CA GLU A 74 -19.38 -5.08 -15.17
C GLU A 74 -20.78 -5.09 -14.58
N ASN A 75 -21.39 -3.92 -14.50
CA ASN A 75 -22.63 -3.71 -13.75
C ASN A 75 -23.82 -4.52 -14.25
N ALA A 76 -23.90 -4.70 -15.56
CA ALA A 76 -25.02 -5.41 -16.19
C ALA A 76 -24.71 -6.85 -16.59
N ALA A 77 -23.44 -7.24 -16.48
CA ALA A 77 -23.00 -8.57 -16.89
C ALA A 77 -22.71 -9.49 -15.69
N ASN A 78 -22.94 -8.97 -14.50
CA ASN A 78 -22.66 -9.69 -13.25
C ASN A 78 -21.24 -10.27 -13.26
N LYS A 79 -20.27 -9.42 -13.56
CA LYS A 79 -18.89 -9.87 -13.68
C LYS A 79 -17.86 -8.92 -13.06
N ILE A 80 -16.71 -9.47 -12.72
CA ILE A 80 -15.53 -8.68 -12.37
C ILE A 80 -14.49 -8.87 -13.49
N GLY A 81 -14.02 -7.77 -14.03
CA GLY A 81 -13.04 -7.79 -15.12
C GLY A 81 -11.62 -7.48 -14.68
N ARG A 82 -10.68 -7.83 -15.54
CA ARG A 82 -9.26 -7.70 -15.24
C ARG A 82 -8.42 -7.65 -16.52
N ILE A 83 -7.65 -6.58 -16.68
CA ILE A 83 -6.66 -6.50 -17.74
C ILE A 83 -5.29 -6.77 -17.13
N THR A 84 -4.62 -7.82 -17.60
CA THR A 84 -3.29 -8.18 -17.12
C THR A 84 -2.23 -7.30 -17.77
N LYS A 85 -1.04 -7.31 -17.20
CA LYS A 85 0.13 -6.60 -17.73
C LYS A 85 0.47 -6.95 -19.19
N LYS A 86 -0.02 -8.11 -19.63
CA LYS A 86 0.20 -8.60 -20.99
C LYS A 86 -0.93 -8.16 -21.93
N GLY A 87 -1.86 -7.38 -21.38
CA GLY A 87 -2.94 -6.79 -22.17
C GLY A 87 -4.15 -7.65 -22.44
N ILE A 88 -4.24 -8.81 -21.80
CA ILE A 88 -5.41 -9.69 -22.01
C ILE A 88 -6.49 -9.48 -20.94
N ILE A 89 -7.74 -9.68 -21.34
CA ILE A 89 -8.89 -9.43 -20.48
C ILE A 89 -9.43 -10.72 -19.89
N LYS A 90 -9.47 -10.77 -18.57
CA LYS A 90 -10.11 -11.86 -17.86
C LYS A 90 -11.40 -11.36 -17.23
N GLU A 91 -12.44 -12.20 -17.26
CA GLU A 91 -13.74 -11.88 -16.68
C GLU A 91 -14.18 -12.98 -15.74
N TYR A 92 -14.71 -12.57 -14.57
CA TYR A 92 -15.11 -13.51 -13.54
C TYR A 92 -16.57 -13.29 -13.15
N THR A 93 -17.41 -14.29 -13.42
CA THR A 93 -18.83 -14.22 -13.10
C THR A 93 -19.06 -14.39 -11.60
N LEU A 94 -20.00 -13.63 -11.06
CA LEU A 94 -20.31 -13.66 -9.64
C LEU A 94 -21.22 -14.82 -9.26
N PRO A 95 -21.16 -15.26 -7.98
CA PRO A 95 -21.86 -16.46 -7.52
C PRO A 95 -23.37 -16.40 -7.75
N ASN A 96 -23.96 -15.26 -7.43
CA ASN A 96 -25.38 -15.09 -7.58
C ASN A 96 -25.70 -14.30 -8.84
N PRO A 97 -26.77 -14.71 -9.55
CA PRO A 97 -27.30 -13.93 -10.67
C PRO A 97 -27.66 -12.51 -10.26
N ASP A 98 -27.40 -11.59 -11.19
CA ASP A 98 -27.78 -10.19 -11.13
C ASP A 98 -27.38 -9.43 -9.87
N SER A 99 -26.12 -9.55 -9.45
CA SER A 99 -25.62 -8.90 -8.24
C SER A 99 -25.35 -7.40 -8.46
N ALA A 100 -25.01 -7.07 -9.72
CA ALA A 100 -24.78 -5.68 -10.17
C ALA A 100 -23.56 -4.98 -9.56
N PRO A 101 -22.35 -5.55 -9.77
CA PRO A 101 -21.14 -4.99 -9.15
C PRO A 101 -20.90 -3.54 -9.60
N TYR A 102 -20.39 -2.70 -8.69
CA TYR A 102 -20.15 -1.29 -9.00
C TYR A 102 -18.77 -0.77 -8.59
N GLY A 103 -18.58 -0.43 -7.32
CA GLY A 103 -17.32 0.10 -6.81
C GLY A 103 -16.23 -0.96 -6.71
N ILE A 104 -14.97 -0.55 -6.75
CA ILE A 104 -13.85 -1.49 -6.71
C ILE A 104 -12.56 -0.84 -6.22
N THR A 105 -11.85 -1.53 -5.34
CA THR A 105 -10.59 -1.06 -4.79
C THR A 105 -9.76 -2.26 -4.29
N GLU A 106 -8.47 -2.02 -4.03
CA GLU A 106 -7.58 -3.09 -3.57
C GLU A 106 -7.61 -3.25 -2.06
N GLY A 107 -7.56 -4.50 -1.60
CA GLY A 107 -7.49 -4.80 -0.18
C GLY A 107 -6.06 -4.83 0.34
N PRO A 108 -5.90 -4.89 1.68
CA PRO A 108 -4.56 -4.75 2.25
C PRO A 108 -3.63 -5.91 1.87
N ASN A 109 -4.21 -7.09 1.59
CA ASN A 109 -3.44 -8.26 1.19
C ASN A 109 -3.26 -8.40 -0.32
N GLY A 110 -3.86 -7.48 -1.08
CA GLY A 110 -3.79 -7.53 -2.53
C GLY A 110 -5.09 -7.93 -3.19
N ASP A 111 -5.96 -8.60 -2.44
CA ASP A 111 -7.26 -9.02 -2.95
C ASP A 111 -8.03 -7.81 -3.46
N ILE A 112 -8.92 -8.06 -4.41
CA ILE A 112 -9.75 -7.00 -4.94
C ILE A 112 -11.15 -7.09 -4.35
N TRP A 113 -11.57 -6.01 -3.69
CA TRP A 113 -12.89 -5.92 -3.08
C TRP A 113 -13.78 -5.00 -3.90
N PHE A 114 -15.07 -5.33 -3.91
CA PHE A 114 -16.05 -4.62 -4.73
C PHE A 114 -17.42 -4.66 -4.06
N THR A 115 -18.31 -3.76 -4.49
CA THR A 115 -19.66 -3.69 -3.96
C THR A 115 -20.66 -4.23 -4.96
N GLU A 116 -21.70 -4.87 -4.45
CA GLU A 116 -22.78 -5.39 -5.26
C GLU A 116 -24.06 -4.69 -4.84
N MET A 117 -24.63 -3.90 -5.75
CA MET A 117 -25.77 -3.04 -5.43
C MET A 117 -27.08 -3.81 -5.28
N ASN A 118 -27.51 -4.52 -6.32
CA ASN A 118 -28.67 -5.41 -6.24
C ASN A 118 -28.37 -6.62 -5.35
N GLY A 119 -27.11 -7.02 -5.32
CA GLY A 119 -26.69 -8.18 -4.53
C GLY A 119 -26.73 -7.94 -3.04
N ASN A 120 -26.54 -6.68 -2.64
CA ASN A 120 -26.52 -6.26 -1.24
C ASN A 120 -25.47 -7.02 -0.44
N ARG A 121 -24.22 -6.92 -0.89
CA ARG A 121 -23.09 -7.61 -0.26
C ARG A 121 -21.75 -7.09 -0.76
N ILE A 122 -20.77 -7.06 0.14
CA ILE A 122 -19.39 -6.73 -0.25
C ILE A 122 -18.77 -7.98 -0.86
N GLY A 123 -17.98 -7.79 -1.91
CA GLY A 123 -17.31 -8.88 -2.59
C GLY A 123 -15.82 -8.93 -2.31
N ARG A 124 -15.16 -9.97 -2.85
CA ARG A 124 -13.75 -10.22 -2.61
C ARG A 124 -13.23 -11.24 -3.64
N ILE A 125 -12.18 -10.87 -4.36
CA ILE A 125 -11.65 -11.70 -5.44
C ILE A 125 -10.12 -11.75 -5.47
N THR A 126 -9.57 -12.94 -5.79
CA THR A 126 -8.13 -13.13 -5.88
C THR A 126 -7.70 -13.36 -7.33
N ASP A 127 -6.44 -13.05 -7.63
CA ASP A 127 -5.89 -13.16 -8.99
C ASP A 127 -6.27 -14.48 -9.69
N ASP A 128 -6.04 -15.59 -9.01
CA ASP A 128 -6.68 -16.86 -9.36
C ASP A 128 -8.02 -17.00 -8.66
N GLY A 129 -9.09 -17.06 -9.46
CA GLY A 129 -10.21 -16.15 -9.31
C GLY A 129 -11.30 -16.63 -8.39
N LYS A 130 -10.93 -16.95 -7.15
CA LYS A 130 -11.90 -17.34 -6.13
C LYS A 130 -12.60 -16.10 -5.55
N ILE A 131 -13.92 -16.22 -5.34
CA ILE A 131 -14.72 -15.11 -4.82
C ILE A 131 -15.43 -15.51 -3.52
N ARG A 132 -15.34 -14.65 -2.50
CA ARG A 132 -16.21 -14.78 -1.33
C ARG A 132 -16.90 -13.46 -0.94
N GLU A 133 -18.18 -13.56 -0.58
CA GLU A 133 -19.03 -12.41 -0.34
C GLU A 133 -19.51 -12.33 1.10
N TYR A 134 -19.97 -11.14 1.51
CA TYR A 134 -20.48 -10.93 2.85
C TYR A 134 -21.77 -10.11 2.79
N GLU A 135 -22.88 -10.75 3.15
CA GLU A 135 -24.18 -10.12 3.12
C GLU A 135 -24.24 -8.96 4.12
N LEU A 136 -24.82 -7.85 3.69
CA LEU A 136 -25.06 -6.72 4.58
C LEU A 136 -26.25 -7.01 5.52
N PRO A 137 -26.28 -6.37 6.70
CA PRO A 137 -27.37 -6.58 7.67
C PRO A 137 -28.73 -6.06 7.22
N ASN A 138 -28.75 -4.89 6.58
CA ASN A 138 -29.99 -4.22 6.27
C ASN A 138 -30.42 -4.41 4.83
N LYS A 139 -31.72 -4.44 4.64
CA LYS A 139 -32.36 -4.79 3.38
C LYS A 139 -32.26 -3.60 2.44
N GLY A 140 -31.61 -3.80 1.29
CA GLY A 140 -31.49 -2.77 0.27
C GLY A 140 -30.66 -1.56 0.66
N SER A 141 -29.42 -1.79 1.06
CA SER A 141 -28.52 -0.70 1.42
C SER A 141 -27.96 0.02 0.20
N TYR A 142 -27.98 -0.68 -0.94
CA TYR A 142 -27.47 -0.17 -2.21
C TYR A 142 -26.03 0.35 -2.05
N PRO A 143 -25.08 -0.56 -1.74
CA PRO A 143 -23.69 -0.13 -1.57
C PRO A 143 -23.07 0.32 -2.90
N SER A 144 -22.21 1.32 -2.84
CA SER A 144 -21.73 2.00 -4.04
C SER A 144 -20.20 2.02 -4.16
N PHE A 145 -19.59 3.17 -3.86
CA PHE A 145 -18.15 3.29 -3.89
C PHE A 145 -17.53 2.55 -2.71
N ILE A 146 -16.25 2.20 -2.85
CA ILE A 146 -15.53 1.47 -1.81
C ILE A 146 -14.04 1.89 -1.80
N THR A 147 -13.53 2.18 -0.61
CA THR A 147 -12.18 2.71 -0.44
C THR A 147 -11.44 2.04 0.74
N LEU A 148 -10.12 2.08 0.72
CA LEU A 148 -9.28 1.47 1.77
C LEU A 148 -8.84 2.50 2.80
N GLY A 149 -9.32 2.34 4.04
CA GLY A 149 -9.07 3.31 5.11
C GLY A 149 -7.75 3.11 5.84
N SER A 150 -7.38 4.11 6.64
CA SER A 150 -6.13 4.09 7.39
C SER A 150 -6.06 2.95 8.40
N ASP A 151 -7.23 2.41 8.76
CA ASP A 151 -7.33 1.27 9.68
C ASP A 151 -7.38 -0.08 8.96
N ASN A 152 -7.10 -0.06 7.65
CA ASN A 152 -6.95 -1.28 6.85
C ASN A 152 -8.24 -2.11 6.70
N ALA A 153 -9.35 -1.50 7.05
CA ALA A 153 -10.67 -2.03 6.75
C ALA A 153 -11.16 -1.30 5.53
N LEU A 154 -12.09 -1.90 4.81
CA LEU A 154 -12.65 -1.25 3.63
C LEU A 154 -13.89 -0.45 3.98
N TRP A 155 -13.95 0.77 3.47
CA TRP A 155 -15.02 1.69 3.81
C TRP A 155 -15.86 1.94 2.56
N PHE A 156 -17.18 1.88 2.75
CA PHE A 156 -18.14 1.97 1.64
C PHE A 156 -19.36 2.80 2.01
N THR A 157 -19.90 3.49 1.03
CA THR A 157 -21.11 4.28 1.20
C THR A 157 -22.35 3.41 0.94
N GLU A 158 -23.41 3.64 1.70
CA GLU A 158 -24.65 2.89 1.56
C GLU A 158 -25.81 3.79 1.12
N ASN A 159 -25.90 3.99 -0.19
CA ASN A 159 -26.81 4.98 -0.81
C ASN A 159 -28.22 5.06 -0.22
N GLN A 160 -28.87 3.92 -0.07
CA GLN A 160 -30.23 3.87 0.47
C GLN A 160 -30.26 3.87 1.99
N ASN A 161 -29.27 3.23 2.60
CA ASN A 161 -29.26 3.02 4.05
C ASN A 161 -28.67 4.19 4.81
N ASN A 162 -28.43 5.29 4.10
CA ASN A 162 -27.89 6.52 4.69
C ASN A 162 -26.73 6.29 5.66
N ALA A 163 -25.75 5.50 5.23
CA ALA A 163 -24.66 5.13 6.12
C ALA A 163 -23.30 5.01 5.45
N ILE A 164 -22.26 5.07 6.27
CA ILE A 164 -20.93 4.71 5.87
C ILE A 164 -20.63 3.37 6.54
N GLY A 165 -20.28 2.38 5.73
CA GLY A 165 -20.03 1.04 6.23
C GLY A 165 -18.54 0.74 6.39
N ARG A 166 -18.22 -0.13 7.33
CA ARG A 166 -16.85 -0.58 7.58
C ARG A 166 -16.78 -2.10 7.58
N ILE A 167 -15.87 -2.63 6.77
CA ILE A 167 -15.64 -4.06 6.72
C ILE A 167 -14.15 -4.38 6.83
N THR A 168 -13.81 -5.17 7.83
CA THR A 168 -12.44 -5.61 8.02
C THR A 168 -12.21 -6.96 7.32
N GLU A 169 -11.00 -7.49 7.45
CA GLU A 169 -10.56 -8.70 6.75
C GLU A 169 -11.41 -9.94 7.02
N SER A 170 -11.93 -10.04 8.25
CA SER A 170 -12.72 -11.22 8.63
C SER A 170 -14.22 -11.04 8.36
N GLY A 171 -14.56 -10.09 7.49
CA GLY A 171 -15.95 -9.90 7.08
C GLY A 171 -16.86 -9.30 8.12
N ASP A 172 -16.28 -8.89 9.25
CA ASP A 172 -17.04 -8.16 10.27
C ASP A 172 -17.46 -6.79 9.74
N ILE A 173 -18.77 -6.61 9.59
CA ILE A 173 -19.33 -5.38 9.04
C ILE A 173 -19.89 -4.45 10.14
N THR A 174 -19.65 -3.16 9.97
CA THR A 174 -20.06 -2.14 10.94
C THR A 174 -20.55 -0.88 10.22
N GLU A 175 -21.67 -0.34 10.66
CA GLU A 175 -22.32 0.76 9.95
C GLU A 175 -22.50 2.01 10.82
N PHE A 176 -22.31 3.17 10.20
CA PHE A 176 -22.45 4.46 10.89
C PHE A 176 -23.47 5.35 10.18
N LYS A 177 -24.59 5.59 10.84
CA LYS A 177 -25.70 6.37 10.26
C LYS A 177 -25.41 7.86 10.14
N ILE A 178 -25.44 8.35 8.91
CA ILE A 178 -25.19 9.76 8.58
C ILE A 178 -26.29 10.65 9.14
N PRO A 179 -25.91 11.66 9.96
CA PRO A 179 -26.85 12.61 10.59
C PRO A 179 -27.91 13.18 9.65
N THR A 180 -27.51 13.49 8.42
CA THR A 180 -28.42 14.03 7.39
C THR A 180 -29.32 12.92 6.85
N PRO A 181 -30.63 12.99 7.17
CA PRO A 181 -31.58 11.93 6.79
C PRO A 181 -31.65 11.77 5.29
N ALA A 182 -31.63 10.51 4.83
CA ALA A 182 -31.74 10.15 3.42
C ALA A 182 -30.88 11.01 2.49
N SER A 183 -29.62 11.18 2.88
CA SER A 183 -28.69 12.04 2.14
C SER A 183 -28.18 11.38 0.86
N GLY A 184 -28.29 10.05 0.80
CA GLY A 184 -27.84 9.28 -0.35
C GLY A 184 -26.37 9.48 -0.67
N PRO A 185 -25.48 8.89 0.15
CA PRO A 185 -24.04 9.07 -0.07
C PRO A 185 -23.59 8.35 -1.32
N VAL A 186 -22.55 8.87 -1.97
CA VAL A 186 -22.03 8.20 -3.17
C VAL A 186 -20.51 8.01 -3.09
N GLY A 187 -19.76 9.01 -3.51
CA GLY A 187 -18.32 8.91 -3.50
C GLY A 187 -17.77 8.78 -2.09
N ILE A 188 -16.78 7.90 -1.94
CA ILE A 188 -15.99 7.82 -0.72
C ILE A 188 -14.52 7.64 -1.09
N THR A 189 -13.65 8.23 -0.27
CA THR A 189 -12.21 8.19 -0.50
C THR A 189 -11.46 8.39 0.82
N LYS A 190 -10.21 7.95 0.84
CA LYS A 190 -9.34 8.20 1.99
C LYS A 190 -8.74 9.59 1.83
N GLY A 191 -8.91 10.43 2.83
CA GLY A 191 -8.28 11.75 2.84
C GLY A 191 -6.87 11.64 3.39
N ASN A 192 -6.04 12.63 3.11
CA ASN A 192 -4.66 12.64 3.60
C ASN A 192 -4.54 12.87 5.11
N ASP A 193 -5.66 13.21 5.75
CA ASP A 193 -5.73 13.30 7.20
C ASP A 193 -6.12 11.96 7.83
N ASP A 194 -6.28 10.95 6.96
CA ASP A 194 -6.56 9.56 7.34
C ASP A 194 -8.02 9.27 7.66
N ALA A 195 -8.84 10.30 7.71
CA ALA A 195 -10.29 10.14 7.83
C ALA A 195 -10.84 9.78 6.46
N LEU A 196 -12.07 9.26 6.45
CA LEU A 196 -12.76 8.93 5.22
C LEU A 196 -13.68 10.08 4.84
N TRP A 197 -13.50 10.60 3.64
CA TRP A 197 -14.32 11.69 3.12
C TRP A 197 -15.29 11.16 2.07
N PHE A 198 -16.51 11.73 2.07
CA PHE A 198 -17.55 11.28 1.17
C PHE A 198 -18.51 12.39 0.75
N VAL A 199 -19.28 12.12 -0.30
CA VAL A 199 -20.25 13.09 -0.82
C VAL A 199 -21.69 12.67 -0.53
N GLU A 200 -22.59 13.64 -0.45
CA GLU A 200 -24.01 13.38 -0.27
C GLU A 200 -24.80 13.94 -1.45
N ILE A 201 -25.18 13.07 -2.39
CA ILE A 201 -25.89 13.49 -3.61
C ILE A 201 -27.16 14.28 -3.30
N ILE A 202 -27.85 13.90 -2.22
CA ILE A 202 -29.12 14.52 -1.85
C ILE A 202 -28.92 15.62 -0.80
N GLY A 203 -28.25 15.28 0.30
CA GLY A 203 -27.98 16.23 1.38
C GLY A 203 -27.26 17.48 0.89
N ASN A 204 -26.47 17.33 -0.18
CA ASN A 204 -25.65 18.38 -0.74
C ASN A 204 -24.55 18.79 0.23
N LYS A 205 -23.81 17.79 0.70
CA LYS A 205 -22.78 17.97 1.72
C LYS A 205 -21.56 17.10 1.46
N ILE A 206 -20.39 17.60 1.85
CA ILE A 206 -19.18 16.80 1.93
C ILE A 206 -19.08 16.23 3.34
N GLY A 207 -18.99 14.90 3.43
CA GLY A 207 -18.95 14.22 4.72
C GLY A 207 -17.58 13.72 5.10
N ARG A 208 -17.25 13.81 6.38
CA ARG A 208 -16.01 13.27 6.92
C ARG A 208 -16.36 12.29 8.03
N ILE A 209 -15.83 11.08 7.93
CA ILE A 209 -15.93 10.10 9.00
C ILE A 209 -14.53 9.60 9.35
N THR A 210 -14.19 9.63 10.64
CA THR A 210 -12.91 9.11 11.12
C THR A 210 -12.97 7.59 11.18
N THR A 211 -11.85 6.96 11.54
CA THR A 211 -11.81 5.51 11.75
C THR A 211 -12.58 5.13 13.01
N SER A 212 -12.57 6.05 13.99
CA SER A 212 -13.31 5.91 15.25
C SER A 212 -14.81 5.97 15.00
N GLY A 213 -15.20 6.82 14.04
CA GLY A 213 -16.59 6.95 13.64
C GLY A 213 -17.17 8.36 13.74
N GLU A 214 -16.34 9.33 14.11
CA GLU A 214 -16.80 10.69 14.30
C GLU A 214 -17.11 11.37 12.96
N ILE A 215 -18.33 11.89 12.86
CA ILE A 215 -18.80 12.49 11.63
C ILE A 215 -18.95 14.01 11.74
N THR A 216 -18.44 14.70 10.72
CA THR A 216 -18.64 16.14 10.56
C THR A 216 -19.03 16.41 9.11
N GLU A 217 -19.84 17.46 8.92
CA GLU A 217 -20.40 17.75 7.60
C GLU A 217 -20.15 19.20 7.19
N PHE A 218 -19.97 19.41 5.89
CA PHE A 218 -19.74 20.73 5.34
C PHE A 218 -20.62 20.92 4.10
N LYS A 219 -21.42 21.99 4.12
CA LYS A 219 -22.40 22.24 3.07
C LYS A 219 -21.78 22.79 1.80
N ILE A 220 -22.19 22.25 0.66
CA ILE A 220 -21.75 22.71 -0.65
C ILE A 220 -22.50 23.99 -1.01
N PRO A 221 -21.76 25.10 -1.24
CA PRO A 221 -22.33 26.42 -1.56
C PRO A 221 -23.37 26.44 -2.68
N THR A 222 -23.12 25.74 -3.78
CA THR A 222 -24.09 25.65 -4.88
C THR A 222 -25.23 24.70 -4.50
N PRO A 223 -26.48 25.21 -4.50
CA PRO A 223 -27.64 24.36 -4.24
C PRO A 223 -27.82 23.29 -5.33
N ASN A 224 -28.30 22.11 -4.91
CA ASN A 224 -28.55 20.96 -5.80
C ASN A 224 -27.34 20.55 -6.65
N ALA A 225 -26.13 20.71 -6.10
CA ALA A 225 -24.88 20.43 -6.82
C ALA A 225 -24.78 18.99 -7.32
N ARG A 226 -25.41 18.06 -6.59
CA ARG A 226 -25.42 16.62 -6.90
C ARG A 226 -24.03 16.01 -7.13
N PRO A 227 -23.23 15.86 -6.05
CA PRO A 227 -21.87 15.34 -6.14
C PRO A 227 -21.83 13.83 -6.32
N HIS A 228 -20.88 13.36 -7.13
CA HIS A 228 -20.77 11.95 -7.48
C HIS A 228 -19.52 11.29 -6.91
N ALA A 229 -18.34 11.73 -7.36
CA ALA A 229 -17.08 11.12 -6.95
C ALA A 229 -16.18 12.10 -6.22
N ILE A 230 -15.43 11.58 -5.25
CA ILE A 230 -14.51 12.38 -4.43
C ILE A 230 -13.11 11.74 -4.39
N THR A 231 -12.08 12.57 -4.54
CA THR A 231 -10.68 12.12 -4.49
C THR A 231 -9.85 13.08 -3.64
N ALA A 232 -8.77 12.56 -3.06
CA ALA A 232 -7.85 13.38 -2.29
C ALA A 232 -6.80 14.02 -3.21
N GLY A 233 -6.55 15.30 -3.00
CA GLY A 233 -5.50 16.03 -3.73
C GLY A 233 -4.28 16.26 -2.85
N ALA A 234 -3.56 17.35 -3.09
CA ALA A 234 -2.38 17.71 -2.29
C ALA A 234 -2.77 18.15 -0.88
N GLY A 235 -1.84 18.03 0.06
CA GLY A 235 -2.06 18.42 1.45
C GLY A 235 -3.36 17.85 2.01
N ILE A 236 -4.28 18.72 2.38
CA ILE A 236 -5.57 18.31 2.93
C ILE A 236 -6.70 18.43 1.91
N ASP A 237 -6.35 18.87 0.70
CA ASP A 237 -7.32 19.07 -0.39
C ASP A 237 -8.19 17.85 -0.65
N LEU A 238 -9.45 18.11 -0.95
CA LEU A 238 -10.39 17.07 -1.37
C LEU A 238 -11.23 17.58 -2.52
N TRP A 239 -11.01 16.98 -3.70
CA TRP A 239 -11.69 17.40 -4.90
C TRP A 239 -12.89 16.50 -5.18
N PHE A 240 -13.93 17.07 -5.78
CA PHE A 240 -15.11 16.30 -6.12
C PHE A 240 -15.85 16.83 -7.35
N THR A 241 -16.39 15.90 -8.13
CA THR A 241 -17.13 16.23 -9.32
C THR A 241 -18.58 16.56 -8.97
N GLU A 242 -19.03 17.75 -9.39
CA GLU A 242 -20.40 18.18 -9.14
C GLU A 242 -21.25 17.98 -10.39
N TRP A 243 -21.89 16.81 -10.46
CA TRP A 243 -22.60 16.36 -11.65
C TRP A 243 -23.79 17.26 -12.05
N GLY A 244 -24.62 17.60 -11.08
CA GLY A 244 -25.80 18.44 -11.33
C GLY A 244 -25.53 19.92 -11.52
N ALA A 245 -24.45 20.42 -10.92
CA ALA A 245 -24.11 21.83 -10.99
C ALA A 245 -23.11 22.15 -12.10
N ASN A 246 -22.56 21.10 -12.72
CA ASN A 246 -21.54 21.21 -13.78
C ASN A 246 -20.31 22.01 -13.34
N LYS A 247 -19.74 21.59 -12.21
CA LYS A 247 -18.62 22.28 -11.58
C LYS A 247 -17.68 21.26 -10.94
N ILE A 248 -16.49 21.70 -10.58
CA ILE A 248 -15.57 20.88 -9.79
C ILE A 248 -15.37 21.54 -8.42
N GLY A 249 -15.74 20.80 -7.38
CA GLY A 249 -15.64 21.29 -6.01
C GLY A 249 -14.34 20.91 -5.35
N ARG A 250 -13.84 21.82 -4.51
CA ARG A 250 -12.57 21.63 -3.80
C ARG A 250 -12.74 22.02 -2.34
N LEU A 251 -12.51 21.07 -1.43
CA LEU A 251 -12.52 21.37 0.00
C LEU A 251 -11.09 21.65 0.47
N THR A 252 -10.79 22.92 0.69
CA THR A 252 -9.43 23.39 0.95
C THR A 252 -9.21 23.68 2.43
N SER A 253 -8.28 24.60 2.72
CA SER A 253 -7.95 24.96 4.09
C SER A 253 -9.17 25.48 4.84
N ASN A 254 -9.28 25.06 6.10
CA ASN A 254 -10.37 25.39 7.01
C ASN A 254 -11.69 24.70 6.64
N ASN A 255 -11.61 23.73 5.74
CA ASN A 255 -12.77 22.99 5.22
C ASN A 255 -13.69 23.85 4.35
N ILE A 256 -13.11 24.86 3.72
CA ILE A 256 -13.83 25.75 2.81
C ILE A 256 -13.97 25.08 1.43
N ILE A 257 -15.14 25.22 0.82
CA ILE A 257 -15.40 24.65 -0.49
C ILE A 257 -15.33 25.72 -1.58
N GLU A 258 -14.39 25.54 -2.50
CA GLU A 258 -14.32 26.33 -3.72
C GLU A 258 -14.94 25.51 -4.84
N GLU A 259 -15.60 26.19 -5.79
CA GLU A 259 -16.20 25.50 -6.93
C GLU A 259 -15.84 26.14 -8.26
N TYR A 260 -15.22 25.32 -9.10
CA TYR A 260 -14.71 25.78 -10.39
C TYR A 260 -15.66 25.33 -11.49
N PRO A 261 -16.22 26.29 -12.23
CA PRO A 261 -17.17 25.97 -13.30
C PRO A 261 -16.48 25.36 -14.51
N ILE A 262 -17.06 24.28 -15.04
CA ILE A 262 -16.45 23.54 -16.13
C ILE A 262 -16.81 24.16 -17.49
N GLN A 263 -17.49 25.30 -17.44
CA GLN A 263 -18.80 25.46 -18.07
C GLN A 263 -18.75 25.41 -19.60
N ILE A 264 -18.30 24.27 -20.14
CA ILE A 264 -18.99 23.63 -21.24
C ILE A 264 -20.24 22.90 -20.72
N LYS A 265 -21.39 23.22 -21.29
CA LYS A 265 -22.67 22.90 -20.67
C LYS A 265 -22.98 21.40 -20.65
N SER A 266 -23.71 21.00 -19.63
CA SER A 266 -24.25 19.64 -19.49
C SER A 266 -23.23 18.53 -19.80
N ALA A 267 -22.08 18.58 -19.12
CA ALA A 267 -20.96 17.67 -19.41
C ALA A 267 -20.96 16.36 -18.62
N GLU A 268 -21.65 16.35 -17.48
CA GLU A 268 -21.82 15.18 -16.62
C GLU A 268 -20.52 14.60 -16.01
N PRO A 269 -19.86 15.37 -15.12
CA PRO A 269 -18.63 14.88 -14.50
C PRO A 269 -18.89 13.67 -13.63
N ALA A 270 -18.07 12.63 -13.79
CA ALA A 270 -18.22 11.39 -13.04
C ALA A 270 -17.01 11.11 -12.15
N GLY A 271 -16.21 10.10 -12.51
CA GLY A 271 -15.04 9.71 -11.72
C GLY A 271 -13.95 10.75 -11.68
N ILE A 272 -13.16 10.75 -10.60
CA ILE A 272 -12.11 11.75 -10.38
C ILE A 272 -10.91 11.14 -9.65
N CYS A 273 -9.70 11.55 -10.05
N CYS A 273 -9.72 11.58 -10.04
CA CYS A 273 -8.47 11.16 -9.33
CA CYS A 273 -8.46 11.13 -9.43
C CYS A 273 -7.37 12.22 -9.44
C CYS A 273 -7.38 12.21 -9.46
N PHE A 274 -6.19 11.87 -8.92
CA PHE A 274 -5.08 12.83 -8.75
C PHE A 274 -3.76 12.11 -8.97
N ASP A 275 -2.95 12.62 -9.90
CA ASP A 275 -1.64 12.01 -10.18
C ASP A 275 -0.45 12.65 -9.44
N GLY A 276 -0.72 13.70 -8.67
CA GLY A 276 0.34 14.40 -7.95
C GLY A 276 0.41 15.87 -8.31
N GLU A 277 0.06 16.18 -9.55
CA GLU A 277 -0.02 17.58 -10.01
C GLU A 277 -1.35 17.92 -10.68
N THR A 278 -1.93 16.94 -11.37
CA THR A 278 -3.15 17.15 -12.14
C THR A 278 -4.34 16.38 -11.58
N ILE A 279 -5.39 17.11 -11.23
CA ILE A 279 -6.70 16.50 -10.95
C ILE A 279 -7.31 16.09 -12.28
N TRP A 280 -7.52 14.79 -12.45
CA TRP A 280 -8.17 14.23 -13.63
C TRP A 280 -9.59 13.84 -13.30
N PHE A 281 -10.53 14.18 -14.18
CA PHE A 281 -11.91 13.75 -14.01
C PHE A 281 -12.60 13.43 -15.34
N ALA A 282 -13.42 12.38 -15.32
CA ALA A 282 -14.14 11.90 -16.51
C ALA A 282 -15.48 12.58 -16.65
N MET A 283 -15.80 13.03 -17.86
CA MET A 283 -17.12 13.61 -18.15
C MET A 283 -17.87 12.72 -19.12
N GLU A 284 -19.03 12.21 -18.69
CA GLU A 284 -19.84 11.29 -19.49
C GLU A 284 -20.11 11.78 -20.90
N CYS A 285 -20.20 13.11 -21.06
CA CYS A 285 -20.41 13.69 -22.37
C CYS A 285 -19.12 13.81 -23.20
N ASP A 286 -18.42 12.68 -23.30
CA ASP A 286 -17.44 12.41 -24.35
C ASP A 286 -16.13 13.19 -24.26
N LYS A 287 -15.79 13.62 -23.05
CA LYS A 287 -14.52 14.32 -22.82
C LYS A 287 -13.90 14.09 -21.43
N ILE A 288 -12.63 14.46 -21.31
CA ILE A 288 -11.81 14.20 -20.12
C ILE A 288 -11.22 15.50 -19.61
N GLY A 289 -11.47 15.79 -18.34
CA GLY A 289 -11.07 17.07 -17.76
C GLY A 289 -9.86 17.00 -16.86
N LYS A 290 -8.92 17.92 -17.08
CA LYS A 290 -7.75 18.05 -16.23
C LYS A 290 -7.62 19.46 -15.64
N LEU A 291 -7.14 19.54 -14.41
CA LEU A 291 -7.16 20.78 -13.63
C LEU A 291 -5.88 21.00 -12.79
N THR A 292 -5.04 21.93 -13.22
CA THR A 292 -3.76 22.18 -12.56
C THR A 292 -3.73 23.56 -11.89
N LEU A 293 -2.96 23.69 -10.81
CA LEU A 293 -2.78 25.00 -10.18
C LEU A 293 -1.62 25.74 -10.80
N ILE A 294 -1.75 27.06 -10.94
CA ILE A 294 -0.60 27.82 -11.38
C ILE A 294 -0.73 29.34 -11.31
N GLU B 2 11.00 -32.49 11.37
CA GLU B 2 11.22 -31.23 10.60
C GLU B 2 11.53 -30.06 11.53
N PHE B 3 10.58 -29.13 11.61
CA PHE B 3 10.71 -27.93 12.42
C PHE B 3 9.49 -27.76 13.33
N LYS B 4 9.56 -26.80 14.25
CA LYS B 4 8.46 -26.54 15.17
C LYS B 4 8.25 -25.06 15.47
N LEU B 5 6.98 -24.68 15.61
CA LEU B 5 6.57 -23.28 15.59
C LEU B 5 5.94 -22.83 16.91
N GLN B 6 6.67 -22.00 17.65
CA GLN B 6 6.19 -21.49 18.94
C GLN B 6 6.11 -19.97 18.90
N GLU B 7 4.97 -19.44 19.34
CA GLU B 7 4.72 -18.01 19.32
C GLU B 7 4.62 -17.48 20.74
N LEU B 8 5.56 -16.63 21.13
CA LEU B 8 5.45 -15.98 22.44
C LEU B 8 4.63 -14.70 22.34
N ASN B 9 3.64 -14.60 23.22
CA ASN B 9 2.78 -13.43 23.26
C ASN B 9 3.37 -12.37 24.18
N LEU B 10 3.37 -11.13 23.72
CA LEU B 10 3.88 -10.00 24.50
C LEU B 10 2.84 -9.56 25.53
N THR B 11 3.29 -8.89 26.59
CA THR B 11 2.38 -8.37 27.60
C THR B 11 1.91 -6.94 27.31
N ASN B 12 2.81 -6.12 26.79
CA ASN B 12 2.41 -4.92 26.06
C ASN B 12 1.55 -5.33 24.87
N GLN B 13 0.35 -4.76 24.76
CA GLN B 13 -0.57 -5.12 23.67
C GLN B 13 -0.68 -4.01 22.62
N ASP B 14 -0.07 -2.87 22.89
CA ASP B 14 -0.24 -1.66 22.07
C ASP B 14 0.62 -1.67 20.80
N THR B 15 1.50 -2.67 20.71
CA THR B 15 2.91 -2.42 20.48
C THR B 15 3.46 -2.47 19.04
N GLY B 16 3.10 -3.51 18.29
CA GLY B 16 3.53 -3.67 16.90
C GLY B 16 5.00 -4.06 16.70
N PRO B 17 5.39 -5.29 17.08
CA PRO B 17 6.78 -5.69 16.89
C PRO B 17 7.11 -5.87 15.40
N TYR B 18 8.21 -5.28 14.96
CA TYR B 18 8.45 -5.11 13.53
C TYR B 18 9.85 -5.53 13.08
N GLY B 19 10.87 -4.96 13.71
CA GLY B 19 12.24 -5.32 13.40
C GLY B 19 12.78 -6.17 14.53
N ILE B 20 13.50 -7.25 14.19
CA ILE B 20 14.06 -8.13 15.21
C ILE B 20 15.54 -8.40 14.96
N THR B 21 16.30 -8.56 16.04
CA THR B 21 17.72 -8.88 15.98
C THR B 21 18.16 -9.61 17.25
N VAL B 22 19.21 -10.42 17.14
CA VAL B 22 19.79 -11.14 18.27
C VAL B 22 21.23 -10.67 18.50
N SER B 23 21.81 -11.03 19.65
CA SER B 23 23.12 -10.50 20.06
C SER B 23 24.21 -11.55 20.24
N ASP B 24 25.30 -11.16 20.92
CA ASP B 24 26.40 -12.07 21.30
C ASP B 24 26.08 -12.78 22.62
N LYS B 25 24.79 -12.82 22.91
CA LYS B 25 24.15 -13.89 23.64
C LYS B 25 22.83 -14.04 22.88
N GLY B 26 21.92 -14.88 23.36
CA GLY B 26 20.60 -14.98 22.75
C GLY B 26 19.69 -13.87 23.20
N LYS B 27 20.16 -12.62 23.13
CA LYS B 27 19.37 -11.46 23.51
C LYS B 27 18.67 -10.96 22.26
N VAL B 28 17.35 -11.02 22.25
CA VAL B 28 16.59 -10.56 21.08
C VAL B 28 16.00 -9.16 21.29
N TRP B 29 16.28 -8.27 20.34
CA TRP B 29 15.78 -6.89 20.40
C TRP B 29 14.73 -6.66 19.33
N ILE B 30 13.62 -6.06 19.72
CA ILE B 30 12.55 -5.73 18.78
C ILE B 30 12.24 -4.24 18.75
N THR B 31 11.92 -3.74 17.57
CA THR B 31 11.35 -2.40 17.43
C THR B 31 9.82 -2.51 17.51
N GLN B 32 9.21 -1.58 18.23
CA GLN B 32 7.75 -1.54 18.37
C GLN B 32 7.25 -0.16 17.95
N HIS B 33 6.72 -0.07 16.73
CA HIS B 33 6.41 1.23 16.12
C HIS B 33 5.14 1.92 16.64
N LYS B 34 4.27 1.17 17.30
CA LYS B 34 3.07 1.74 17.88
C LYS B 34 3.38 2.26 19.28
N ALA B 35 4.06 1.43 20.07
CA ALA B 35 4.46 1.79 21.42
C ALA B 35 5.49 2.91 21.43
N ASN B 36 6.16 3.08 20.28
CA ASN B 36 7.23 4.06 20.11
C ASN B 36 8.42 3.75 21.03
N MET B 37 8.77 2.47 21.10
CA MET B 37 9.82 1.98 22.00
C MET B 37 10.57 0.78 21.43
N ILE B 38 11.70 0.46 22.05
CA ILE B 38 12.48 -0.73 21.71
C ILE B 38 12.58 -1.61 22.95
N SER B 39 12.20 -2.88 22.80
CA SER B 39 12.27 -3.84 23.89
C SER B 39 13.34 -4.89 23.65
N CYS B 40 13.84 -5.47 24.74
CA CYS B 40 14.79 -6.56 24.69
C CYS B 40 14.33 -7.72 25.58
N ILE B 41 14.33 -8.93 25.03
CA ILE B 41 13.94 -10.11 25.78
C ILE B 41 15.20 -10.86 26.22
N ASN B 42 15.48 -10.82 27.53
CA ASN B 42 16.66 -11.46 28.09
C ASN B 42 16.67 -12.97 27.90
N LEU B 43 17.88 -13.53 27.81
CA LEU B 43 18.11 -14.93 27.42
C LEU B 43 17.07 -15.89 27.99
N ASP B 44 16.77 -15.75 29.28
CA ASP B 44 15.64 -16.46 29.87
C ASP B 44 14.75 -15.54 30.70
N GLY B 45 13.69 -15.05 30.06
CA GLY B 45 12.63 -14.35 30.77
C GLY B 45 12.36 -12.89 30.43
N LYS B 46 13.05 -11.99 31.13
CA LYS B 46 12.56 -10.62 31.29
C LYS B 46 12.79 -9.62 30.14
N ILE B 47 11.72 -8.91 29.82
CA ILE B 47 11.73 -7.83 28.82
C ILE B 47 12.26 -6.58 29.48
N THR B 48 12.94 -5.73 28.70
CA THR B 48 13.31 -4.38 29.14
C THR B 48 13.00 -3.38 28.02
N GLU B 49 12.04 -2.50 28.25
CA GLU B 49 11.59 -1.53 27.26
C GLU B 49 12.47 -0.30 27.27
N TYR B 50 12.68 0.27 26.08
CA TYR B 50 13.36 1.56 25.96
C TYR B 50 12.44 2.57 25.27
N GLU B 51 11.70 3.33 26.09
CA GLU B 51 10.73 4.30 25.61
C GLU B 51 11.43 5.50 25.01
N LEU B 52 11.09 5.84 23.77
CA LEU B 52 11.66 7.01 23.10
C LEU B 52 11.17 8.31 23.74
N PRO B 53 12.01 9.36 23.72
CA PRO B 53 11.64 10.64 24.35
C PRO B 53 10.43 11.32 23.72
N ASN B 54 10.34 11.31 22.40
CA ASN B 54 9.23 11.94 21.69
C ASN B 54 8.36 10.94 20.93
N LYS B 55 7.04 11.21 20.91
CA LYS B 55 6.04 10.31 20.33
C LYS B 55 5.89 10.47 18.82
N GLY B 56 5.61 9.35 18.14
CA GLY B 56 5.31 9.35 16.71
C GLY B 56 6.50 9.13 15.81
N ALA B 57 7.54 8.50 16.33
CA ALA B 57 8.79 8.31 15.59
C ALA B 57 8.71 7.22 14.52
N LYS B 58 7.85 6.22 14.75
CA LYS B 58 7.65 5.08 13.84
C LYS B 58 8.93 4.25 13.64
N VAL B 59 9.40 3.68 14.74
CA VAL B 59 10.63 2.90 14.77
C VAL B 59 10.53 1.69 13.84
N MET B 60 11.38 1.64 12.82
CA MET B 60 11.31 0.57 11.82
C MET B 60 12.40 -0.50 12.00
N CYS B 61 13.48 -0.39 11.21
CA CYS B 61 14.55 -1.38 11.24
C CYS B 61 15.57 -1.07 12.32
N LEU B 62 16.28 -2.09 12.76
CA LEU B 62 17.34 -1.94 13.75
C LEU B 62 18.44 -2.96 13.48
N THR B 63 19.61 -2.75 14.08
CA THR B 63 20.71 -3.70 14.02
C THR B 63 21.65 -3.53 15.20
N ILE B 64 22.37 -4.60 15.54
CA ILE B 64 23.34 -4.55 16.63
C ILE B 64 24.73 -4.33 16.06
N SER B 65 25.33 -3.19 16.39
CA SER B 65 26.63 -2.80 15.86
C SER B 65 27.76 -3.60 16.51
N SER B 66 28.95 -3.54 15.91
CA SER B 66 30.12 -4.27 16.39
C SER B 66 30.58 -3.91 17.80
N ASP B 67 30.30 -2.67 18.21
CA ASP B 67 30.74 -2.19 19.54
C ASP B 67 29.62 -2.19 20.59
N GLY B 68 28.70 -3.14 20.47
CA GLY B 68 27.65 -3.37 21.47
C GLY B 68 26.55 -2.33 21.55
N GLU B 69 26.20 -1.74 20.42
CA GLU B 69 25.14 -0.73 20.38
C GLU B 69 23.96 -1.16 19.50
N VAL B 70 22.77 -0.76 19.89
CA VAL B 70 21.56 -0.97 19.10
C VAL B 70 21.28 0.31 18.33
N TRP B 71 21.36 0.22 17.00
CA TRP B 71 21.06 1.34 16.12
C TRP B 71 19.72 1.09 15.45
N PHE B 72 18.94 2.14 15.30
CA PHE B 72 17.60 2.04 14.70
C PHE B 72 17.24 3.31 13.96
N THR B 73 16.28 3.22 13.03
CA THR B 73 15.78 4.38 12.29
C THR B 73 14.40 4.83 12.80
N GLU B 74 14.17 6.14 12.74
CA GLU B 74 12.88 6.72 13.09
C GLU B 74 12.21 7.27 11.82
N ASN B 75 11.32 6.45 11.25
CA ASN B 75 10.75 6.72 9.93
C ASN B 75 9.99 8.03 9.82
N ALA B 76 9.29 8.40 10.89
CA ALA B 76 8.45 9.60 10.87
C ALA B 76 9.09 10.81 11.59
N ALA B 77 10.21 10.58 12.25
CA ALA B 77 10.88 11.65 13.02
C ALA B 77 12.12 12.18 12.32
N ASN B 78 12.41 11.65 11.13
CA ASN B 78 13.61 11.97 10.36
C ASN B 78 14.89 11.86 11.22
N LYS B 79 15.03 10.73 11.91
CA LYS B 79 16.15 10.56 12.84
C LYS B 79 16.80 9.17 12.76
N ILE B 80 18.06 9.12 13.18
CA ILE B 80 18.72 7.85 13.45
C ILE B 80 18.95 7.72 14.95
N GLY B 81 18.51 6.61 15.51
CA GLY B 81 18.60 6.37 16.95
C GLY B 81 19.71 5.41 17.32
N ARG B 82 20.09 5.45 18.60
CA ARG B 82 21.16 4.61 19.12
C ARG B 82 21.04 4.40 20.63
N ILE B 83 21.03 3.14 21.04
CA ILE B 83 21.13 2.77 22.45
C ILE B 83 22.57 2.37 22.72
N THR B 84 23.24 3.08 23.62
CA THR B 84 24.61 2.76 24.02
C THR B 84 24.59 1.59 25.01
N LYS B 85 25.76 0.96 25.20
CA LYS B 85 25.85 -0.16 26.14
C LYS B 85 25.60 0.24 27.61
N LYS B 86 25.50 1.55 27.86
CA LYS B 86 25.13 2.08 29.18
C LYS B 86 23.62 2.35 29.27
N GLY B 87 22.91 1.98 28.20
CA GLY B 87 21.46 2.04 28.18
C GLY B 87 20.82 3.38 27.87
N ILE B 88 21.62 4.37 27.44
CA ILE B 88 21.06 5.68 27.09
C ILE B 88 20.80 5.81 25.58
N ILE B 89 19.77 6.59 25.25
CA ILE B 89 19.30 6.74 23.87
C ILE B 89 19.79 8.05 23.26
N LYS B 90 20.53 7.93 22.17
CA LYS B 90 20.93 9.09 21.38
C LYS B 90 20.15 9.12 20.08
N GLU B 91 19.76 10.32 19.66
CA GLU B 91 18.99 10.53 18.43
C GLU B 91 19.68 11.56 17.56
N TYR B 92 19.77 11.26 16.27
CA TYR B 92 20.47 12.13 15.32
C TYR B 92 19.55 12.52 14.16
N THR B 93 19.24 13.81 14.07
CA THR B 93 18.37 14.32 13.00
C THR B 93 19.12 14.37 11.68
N LEU B 94 18.42 14.02 10.60
CA LEU B 94 19.01 13.99 9.26
C LEU B 94 19.08 15.39 8.63
N PRO B 95 20.05 15.61 7.73
CA PRO B 95 20.27 16.95 7.19
C PRO B 95 19.06 17.53 6.46
N ASN B 96 18.36 16.70 5.72
CA ASN B 96 17.25 17.17 4.95
C ASN B 96 15.95 16.85 5.65
N PRO B 97 15.06 17.93 5.79
CA PRO B 97 13.78 17.42 6.29
C PRO B 97 13.11 16.48 5.30
N ASP B 98 12.12 15.86 5.95
CA ASP B 98 11.88 14.48 6.33
C ASP B 98 12.04 13.51 5.17
N SER B 99 13.07 12.77 5.45
CA SER B 99 13.92 11.92 4.62
C SER B 99 13.43 10.48 4.68
N ALA B 100 12.78 10.18 5.80
CA ALA B 100 12.08 8.94 6.13
C ALA B 100 12.97 7.69 6.18
N PRO B 101 13.98 7.67 7.07
CA PRO B 101 14.92 6.55 7.14
C PRO B 101 14.23 5.22 7.44
N TYR B 102 14.73 4.14 6.86
CA TYR B 102 14.11 2.82 7.04
C TYR B 102 15.10 1.70 7.41
N GLY B 103 15.78 1.14 6.41
CA GLY B 103 16.73 0.03 6.62
C GLY B 103 18.00 0.51 7.29
N ILE B 104 18.70 -0.41 7.97
CA ILE B 104 19.93 -0.07 8.68
C ILE B 104 20.84 -1.28 8.87
N THR B 105 22.13 -1.06 8.68
CA THR B 105 23.14 -2.11 8.80
C THR B 105 24.52 -1.48 9.05
N GLU B 106 25.47 -2.28 9.51
CA GLU B 106 26.82 -1.79 9.79
C GLU B 106 27.72 -1.85 8.55
N GLY B 107 28.54 -0.81 8.39
CA GLY B 107 29.52 -0.77 7.30
C GLY B 107 30.82 -1.43 7.68
N PRO B 108 31.66 -1.70 6.66
CA PRO B 108 32.91 -2.45 6.91
C PRO B 108 33.85 -1.76 7.90
N ASN B 109 33.76 -0.44 7.99
CA ASN B 109 34.61 0.36 8.89
C ASN B 109 33.98 0.62 10.25
N GLY B 110 32.75 0.15 10.42
CA GLY B 110 32.02 0.36 11.67
C GLY B 110 30.90 1.37 11.55
N ASP B 111 31.01 2.25 10.55
CA ASP B 111 29.98 3.26 10.27
C ASP B 111 28.62 2.60 10.11
N ILE B 112 27.58 3.33 10.43
CA ILE B 112 26.23 2.82 10.28
C ILE B 112 25.58 3.42 9.04
N TRP B 113 25.21 2.55 8.10
CA TRP B 113 24.56 2.96 6.87
C TRP B 113 23.08 2.66 6.92
N PHE B 114 22.30 3.49 6.24
CA PHE B 114 20.84 3.42 6.27
C PHE B 114 20.26 3.96 4.96
N THR B 115 19.00 3.60 4.71
CA THR B 115 18.30 4.06 3.51
C THR B 115 17.22 5.09 3.86
N GLU B 116 17.07 6.06 2.97
CA GLU B 116 16.03 7.08 3.11
C GLU B 116 15.07 6.98 1.94
N MET B 117 13.83 6.60 2.26
CA MET B 117 12.81 6.32 1.26
C MET B 117 12.34 7.58 0.52
N ASN B 118 11.74 8.52 1.26
CA ASN B 118 11.36 9.79 0.67
C ASN B 118 12.58 10.61 0.27
N GLY B 119 13.68 10.42 1.01
CA GLY B 119 14.91 11.15 0.77
C GLY B 119 15.59 10.76 -0.51
N ASN B 120 15.40 9.50 -0.92
CA ASN B 120 15.99 8.94 -2.14
C ASN B 120 17.52 9.05 -2.11
N ARG B 121 18.11 8.51 -1.04
CA ARG B 121 19.56 8.54 -0.83
C ARG B 121 20.01 7.55 0.26
N ILE B 122 21.19 6.96 0.05
CA ILE B 122 21.80 6.13 1.07
C ILE B 122 22.49 7.04 2.08
N GLY B 123 22.39 6.69 3.35
CA GLY B 123 22.99 7.47 4.44
C GLY B 123 24.22 6.84 5.04
N ARG B 124 24.83 7.54 6.00
CA ARG B 124 26.08 7.14 6.63
C ARG B 124 26.28 7.94 7.90
N ILE B 125 26.46 7.24 9.02
CA ILE B 125 26.60 7.89 10.33
C ILE B 125 27.71 7.27 11.20
N THR B 126 28.45 8.13 11.91
CA THR B 126 29.51 7.70 12.82
C THR B 126 29.11 7.91 14.27
N ASP B 127 29.71 7.14 15.17
CA ASP B 127 29.42 7.21 16.61
C ASP B 127 29.32 8.64 17.16
N ASP B 128 30.33 9.44 16.88
CA ASP B 128 30.23 10.89 16.98
C ASP B 128 29.79 11.51 15.68
N GLY B 129 28.65 12.20 15.73
CA GLY B 129 27.49 11.83 14.93
C GLY B 129 27.40 12.51 13.59
N LYS B 130 28.50 12.52 12.85
CA LYS B 130 28.55 13.12 11.53
C LYS B 130 27.80 12.25 10.51
N ILE B 131 27.04 12.90 9.63
CA ILE B 131 26.26 12.20 8.61
C ILE B 131 26.65 12.67 7.20
N ARG B 132 26.88 11.72 6.29
CA ARG B 132 26.96 12.06 4.86
C ARG B 132 26.14 11.13 3.97
N GLU B 133 25.50 11.71 2.97
CA GLU B 133 24.52 11.02 2.14
C GLU B 133 24.93 10.98 0.67
N TYR B 134 24.34 10.05 -0.08
CA TYR B 134 24.61 9.93 -1.50
C TYR B 134 23.31 9.77 -2.27
N GLU B 135 22.98 10.77 -3.08
CA GLU B 135 21.76 10.78 -3.87
C GLU B 135 21.77 9.64 -4.89
N LEU B 136 20.62 8.97 -5.01
CA LEU B 136 20.43 7.93 -6.02
C LEU B 136 20.25 8.57 -7.40
N PRO B 137 20.61 7.85 -8.49
CA PRO B 137 20.47 8.40 -9.84
C PRO B 137 19.03 8.58 -10.31
N ASN B 138 18.17 7.61 -10.00
CA ASN B 138 16.81 7.59 -10.52
C ASN B 138 15.79 8.18 -9.55
N LYS B 139 14.82 8.87 -10.12
CA LYS B 139 13.76 9.53 -9.38
C LYS B 139 12.83 8.53 -8.71
N GLY B 140 12.74 8.62 -7.38
CA GLY B 140 11.81 7.80 -6.60
C GLY B 140 12.09 6.31 -6.66
N SER B 141 13.31 5.93 -6.28
CA SER B 141 13.68 4.51 -6.23
C SER B 141 13.09 3.80 -5.01
N TYR B 142 12.74 4.59 -3.98
CA TYR B 142 12.16 4.08 -2.73
C TYR B 142 13.04 2.97 -2.14
N PRO B 143 14.26 3.33 -1.69
CA PRO B 143 15.17 2.31 -1.16
C PRO B 143 14.70 1.83 0.20
N SER B 144 14.91 0.54 0.49
CA SER B 144 14.32 -0.07 1.68
C SER B 144 15.35 -0.76 2.59
N PHE B 145 15.41 -2.08 2.51
CA PHE B 145 16.39 -2.83 3.30
C PHE B 145 17.80 -2.61 2.76
N ILE B 146 18.78 -2.84 3.63
CA ILE B 146 20.18 -2.64 3.28
C ILE B 146 21.05 -3.65 4.05
N THR B 147 21.97 -4.29 3.34
CA THR B 147 22.79 -5.36 3.92
C THR B 147 24.24 -5.27 3.40
N LEU B 148 25.17 -5.88 4.12
CA LEU B 148 26.60 -5.82 3.78
C LEU B 148 27.04 -7.10 3.05
N GLY B 149 27.44 -6.93 1.80
CA GLY B 149 27.80 -8.06 0.94
C GLY B 149 29.23 -8.53 1.09
N SER B 150 29.52 -9.69 0.52
CA SER B 150 30.86 -10.30 0.62
C SER B 150 31.95 -9.45 -0.05
N ASP B 151 31.54 -8.53 -0.91
CA ASP B 151 32.47 -7.61 -1.57
C ASP B 151 32.61 -6.29 -0.81
N ASN B 152 32.07 -6.25 0.41
CA ASN B 152 32.21 -5.11 1.34
C ASN B 152 31.59 -3.80 0.86
N ALA B 153 30.73 -3.92 -0.15
CA ALA B 153 29.87 -2.84 -0.58
C ALA B 153 28.51 -3.10 0.05
N LEU B 154 27.72 -2.05 0.22
CA LEU B 154 26.41 -2.22 0.81
C LEU B 154 25.38 -2.43 -0.28
N TRP B 155 24.53 -3.45 -0.09
CA TRP B 155 23.53 -3.80 -1.10
C TRP B 155 22.14 -3.52 -0.56
N PHE B 156 21.32 -2.91 -1.40
CA PHE B 156 19.98 -2.45 -1.02
C PHE B 156 18.97 -2.72 -2.12
N THR B 157 17.72 -2.91 -1.72
CA THR B 157 16.62 -3.11 -2.66
C THR B 157 15.98 -1.77 -3.01
N GLU B 158 15.57 -1.62 -4.26
CA GLU B 158 14.93 -0.39 -4.73
C GLU B 158 13.48 -0.65 -5.13
N ASN B 159 12.60 -0.63 -4.12
CA ASN B 159 11.20 -1.04 -4.26
C ASN B 159 10.45 -0.54 -5.51
N GLN B 160 10.59 0.75 -5.81
CA GLN B 160 9.94 1.34 -6.99
C GLN B 160 10.74 1.12 -8.27
N ASN B 161 12.07 1.19 -8.14
CA ASN B 161 12.96 1.16 -9.31
C ASN B 161 13.29 -0.25 -9.76
N ASN B 162 12.61 -1.23 -9.17
CA ASN B 162 12.75 -2.64 -9.53
C ASN B 162 14.21 -3.11 -9.65
N ALA B 163 15.02 -2.77 -8.65
CA ALA B 163 16.45 -2.97 -8.74
C ALA B 163 17.11 -3.39 -7.44
N ILE B 164 18.27 -4.02 -7.58
CA ILE B 164 19.17 -4.24 -6.47
C ILE B 164 20.33 -3.27 -6.66
N GLY B 165 20.56 -2.44 -5.65
CA GLY B 165 21.61 -1.43 -5.72
C GLY B 165 22.86 -1.79 -4.96
N ARG B 166 23.99 -1.27 -5.44
CA ARG B 166 25.29 -1.53 -4.84
C ARG B 166 26.02 -0.20 -4.58
N ILE B 167 26.43 0.00 -3.33
CA ILE B 167 27.20 1.19 -2.96
C ILE B 167 28.48 0.81 -2.20
N THR B 168 29.61 1.19 -2.76
CA THR B 168 30.90 1.00 -2.11
C THR B 168 31.25 2.18 -1.20
N GLU B 169 32.40 2.10 -0.53
CA GLU B 169 32.83 3.08 0.47
C GLU B 169 32.91 4.51 -0.05
N SER B 170 33.25 4.63 -1.34
CA SER B 170 33.44 5.93 -2.00
C SER B 170 32.13 6.52 -2.54
N GLY B 171 31.00 5.94 -2.14
CA GLY B 171 29.70 6.43 -2.61
C GLY B 171 29.39 6.11 -4.08
N ASP B 172 30.25 5.31 -4.71
CA ASP B 172 29.99 4.77 -6.05
C ASP B 172 28.70 3.94 -6.03
N ILE B 173 27.66 4.41 -6.69
CA ILE B 173 26.39 3.66 -6.75
C ILE B 173 26.23 2.91 -8.07
N THR B 174 25.76 1.67 -7.98
CA THR B 174 25.56 0.80 -9.13
C THR B 174 24.25 0.02 -8.99
N GLU B 175 23.50 -0.08 -10.07
CA GLU B 175 22.14 -0.66 -10.02
C GLU B 175 21.95 -1.81 -10.99
N PHE B 176 21.24 -2.84 -10.53
CA PHE B 176 20.96 -4.03 -11.35
C PHE B 176 19.46 -4.30 -11.45
N LYS B 177 18.92 -4.12 -12.65
CA LYS B 177 17.48 -4.24 -12.90
C LYS B 177 16.98 -5.68 -12.86
N ILE B 178 16.06 -5.94 -11.94
CA ILE B 178 15.46 -7.26 -11.74
C ILE B 178 14.59 -7.66 -12.95
N PRO B 179 14.86 -8.86 -13.54
CA PRO B 179 14.14 -9.35 -14.73
C PRO B 179 12.61 -9.28 -14.62
N THR B 180 12.09 -9.57 -13.43
CA THR B 180 10.66 -9.50 -13.16
C THR B 180 10.18 -8.04 -13.07
N PRO B 181 9.43 -7.56 -14.07
CA PRO B 181 9.00 -6.16 -14.11
C PRO B 181 8.16 -5.79 -12.90
N ALA B 182 8.44 -4.62 -12.33
CA ALA B 182 7.70 -4.06 -11.19
C ALA B 182 7.47 -5.05 -10.05
N SER B 183 8.51 -5.81 -9.71
CA SER B 183 8.40 -6.87 -8.71
C SER B 183 8.35 -6.32 -7.29
N GLY B 184 8.83 -5.10 -7.10
CA GLY B 184 8.81 -4.43 -5.80
C GLY B 184 9.58 -5.20 -4.74
N PRO B 185 10.93 -5.19 -4.85
CA PRO B 185 11.73 -5.97 -3.92
C PRO B 185 11.71 -5.34 -2.53
N VAL B 186 11.85 -6.15 -1.49
CA VAL B 186 11.85 -5.61 -0.13
C VAL B 186 13.07 -6.10 0.67
N GLY B 187 12.95 -7.27 1.31
CA GLY B 187 14.02 -7.81 2.12
C GLY B 187 15.25 -8.14 1.28
N ILE B 188 16.42 -7.78 1.81
CA ILE B 188 17.69 -8.24 1.27
C ILE B 188 18.62 -8.66 2.40
N THR B 189 19.39 -9.72 2.15
CA THR B 189 20.32 -10.29 3.13
C THR B 189 21.52 -10.92 2.41
N LYS B 190 22.61 -11.09 3.14
CA LYS B 190 23.75 -11.83 2.63
C LYS B 190 23.49 -13.30 2.90
N GLY B 191 23.57 -14.13 1.86
CA GLY B 191 23.44 -15.57 2.02
C GLY B 191 24.79 -16.17 2.36
N ASN B 192 24.79 -17.38 2.93
CA ASN B 192 26.05 -18.05 3.28
C ASN B 192 26.86 -18.52 2.06
N ASP B 193 26.27 -18.42 0.87
CA ASP B 193 27.00 -18.66 -0.38
C ASP B 193 27.64 -17.37 -0.90
N ASP B 194 27.47 -16.30 -0.13
CA ASP B 194 28.09 -14.99 -0.38
C ASP B 194 27.37 -14.14 -1.43
N ALA B 195 26.35 -14.71 -2.08
CA ALA B 195 25.46 -13.96 -2.94
C ALA B 195 24.48 -13.19 -2.06
N LEU B 196 23.84 -12.17 -2.64
CA LEU B 196 22.80 -11.42 -1.95
C LEU B 196 21.44 -11.98 -2.32
N TRP B 197 20.67 -12.36 -1.32
CA TRP B 197 19.35 -12.92 -1.53
C TRP B 197 18.30 -11.89 -1.15
N PHE B 198 17.18 -11.89 -1.87
CA PHE B 198 16.13 -10.90 -1.67
C PHE B 198 14.73 -11.41 -2.01
N VAL B 199 13.71 -10.69 -1.54
CA VAL B 199 12.32 -11.05 -1.78
C VAL B 199 11.66 -10.10 -2.77
N GLU B 200 10.63 -10.58 -3.46
CA GLU B 200 9.84 -9.75 -4.36
C GLU B 200 8.38 -9.75 -3.89
N ILE B 201 7.96 -8.68 -3.22
CA ILE B 201 6.61 -8.64 -2.65
C ILE B 201 5.52 -8.78 -3.71
N ILE B 202 5.81 -8.30 -4.92
CA ILE B 202 4.83 -8.36 -6.01
C ILE B 202 5.08 -9.56 -6.91
N GLY B 203 6.31 -9.69 -7.41
CA GLY B 203 6.67 -10.80 -8.29
C GLY B 203 6.38 -12.16 -7.67
N ASN B 204 6.44 -12.21 -6.35
CA ASN B 204 6.25 -13.44 -5.58
C ASN B 204 7.39 -14.42 -5.83
N LYS B 205 8.61 -13.92 -5.66
CA LYS B 205 9.82 -14.68 -5.94
C LYS B 205 10.92 -14.39 -4.93
N ILE B 206 11.74 -15.40 -4.66
CA ILE B 206 13.01 -15.20 -3.95
C ILE B 206 14.10 -14.94 -4.99
N GLY B 207 14.78 -13.80 -4.83
CA GLY B 207 15.81 -13.37 -5.77
C GLY B 207 17.21 -13.55 -5.24
N ARG B 208 18.11 -13.94 -6.13
CA ARG B 208 19.52 -14.10 -5.79
C ARG B 208 20.34 -13.27 -6.77
N ILE B 209 21.19 -12.41 -6.22
CA ILE B 209 22.14 -11.65 -7.03
C ILE B 209 23.54 -11.89 -6.46
N THR B 210 24.48 -12.23 -7.33
CA THR B 210 25.88 -12.37 -6.91
C THR B 210 26.52 -10.99 -6.81
N THR B 211 27.78 -10.94 -6.38
CA THR B 211 28.49 -9.67 -6.34
C THR B 211 28.84 -9.20 -7.75
N SER B 212 29.00 -10.16 -8.67
CA SER B 212 29.28 -9.88 -10.07
C SER B 212 28.04 -9.30 -10.75
N GLY B 213 26.87 -9.76 -10.30
CA GLY B 213 25.60 -9.22 -10.76
C GLY B 213 24.63 -10.23 -11.35
N GLU B 214 25.01 -11.51 -11.33
CA GLU B 214 24.17 -12.53 -11.94
C GLU B 214 22.93 -12.82 -11.10
N ILE B 215 21.77 -12.72 -11.76
CA ILE B 215 20.49 -12.89 -11.10
C ILE B 215 19.79 -14.19 -11.49
N THR B 216 19.27 -14.88 -10.48
CA THR B 216 18.43 -16.05 -10.66
C THR B 216 17.24 -15.93 -9.72
N GLU B 217 16.10 -16.47 -10.14
CA GLU B 217 14.86 -16.32 -9.41
C GLU B 217 14.19 -17.66 -9.14
N PHE B 218 13.46 -17.73 -8.03
CA PHE B 218 12.77 -18.94 -7.59
C PHE B 218 11.38 -18.56 -7.12
N LYS B 219 10.36 -19.16 -7.74
CA LYS B 219 8.97 -18.82 -7.45
C LYS B 219 8.50 -19.41 -6.14
N ILE B 220 7.81 -18.58 -5.35
CA ILE B 220 7.19 -19.00 -4.09
C ILE B 220 5.90 -19.77 -4.40
N PRO B 221 5.78 -21.01 -3.89
CA PRO B 221 4.64 -21.91 -4.16
C PRO B 221 3.27 -21.31 -3.87
N THR B 222 3.14 -20.63 -2.73
CA THR B 222 1.88 -20.00 -2.35
C THR B 222 1.68 -18.71 -3.14
N PRO B 223 0.58 -18.62 -3.91
CA PRO B 223 0.24 -17.39 -4.63
C PRO B 223 0.01 -16.21 -3.68
N ASN B 224 0.45 -15.02 -4.10
CA ASN B 224 0.27 -13.77 -3.35
C ASN B 224 0.83 -13.81 -1.93
N ALA B 225 1.93 -14.55 -1.75
CA ALA B 225 2.54 -14.74 -0.42
C ALA B 225 2.95 -13.42 0.25
N ARG B 226 3.27 -12.43 -0.58
CA ARG B 226 3.75 -11.11 -0.13
C ARG B 226 4.89 -11.14 0.91
N PRO B 227 6.11 -11.52 0.48
CA PRO B 227 7.26 -11.60 1.38
C PRO B 227 7.84 -10.24 1.76
N HIS B 228 8.26 -10.11 3.02
CA HIS B 228 8.76 -8.86 3.57
C HIS B 228 10.26 -8.94 3.88
N ALA B 229 10.63 -9.76 4.86
CA ALA B 229 12.03 -9.84 5.27
C ALA B 229 12.66 -11.21 5.05
N ILE B 230 13.96 -11.21 4.77
CA ILE B 230 14.71 -12.43 4.49
C ILE B 230 16.01 -12.48 5.33
N THR B 231 16.30 -13.64 5.89
CA THR B 231 17.52 -13.87 6.67
C THR B 231 18.17 -15.19 6.28
N ALA B 232 19.47 -15.27 6.50
CA ALA B 232 20.23 -16.51 6.26
C ALA B 232 20.17 -17.41 7.50
N GLY B 233 19.91 -18.69 7.27
CA GLY B 233 19.91 -19.70 8.33
C GLY B 233 21.18 -20.54 8.27
N ALA B 234 21.07 -21.80 8.70
CA ALA B 234 22.20 -22.75 8.65
C ALA B 234 22.52 -23.16 7.21
N GLY B 235 23.77 -23.56 6.97
CA GLY B 235 24.20 -24.01 5.65
C GLY B 235 23.84 -23.02 4.55
N ILE B 236 23.02 -23.46 3.60
CA ILE B 236 22.58 -22.61 2.51
C ILE B 236 21.15 -22.11 2.71
N ASP B 237 20.56 -22.45 3.86
CA ASP B 237 19.18 -22.07 4.18
C ASP B 237 18.94 -20.57 4.08
N LEU B 238 17.76 -20.22 3.60
CA LEU B 238 17.32 -18.83 3.57
C LEU B 238 15.86 -18.75 3.97
N TRP B 239 15.62 -18.15 5.14
CA TRP B 239 14.27 -18.06 5.70
C TRP B 239 13.67 -16.70 5.39
N PHE B 240 12.35 -16.66 5.25
CA PHE B 240 11.65 -15.42 4.96
C PHE B 240 10.21 -15.38 5.47
N THR B 241 9.82 -14.21 5.97
CA THR B 241 8.48 -14.00 6.49
C THR B 241 7.50 -13.74 5.35
N GLU B 242 6.45 -14.54 5.27
CA GLU B 242 5.40 -14.38 4.26
C GLU B 242 4.20 -13.64 4.84
N TRP B 243 4.23 -12.31 4.74
CA TRP B 243 3.25 -11.43 5.35
C TRP B 243 1.80 -11.70 4.91
N GLY B 244 1.57 -11.75 3.60
CA GLY B 244 0.23 -11.95 3.04
C GLY B 244 -0.33 -13.35 3.15
N ALA B 245 0.55 -14.36 3.19
CA ALA B 245 0.14 -15.76 3.25
C ALA B 245 0.08 -16.32 4.67
N ASN B 246 0.57 -15.54 5.64
CA ASN B 246 0.66 -15.98 7.04
C ASN B 246 1.47 -17.26 7.22
N LYS B 247 2.69 -17.26 6.67
CA LYS B 247 3.55 -18.44 6.65
C LYS B 247 5.01 -18.03 6.81
N ILE B 248 5.87 -19.00 7.11
CA ILE B 248 7.31 -18.77 7.08
C ILE B 248 7.91 -19.63 5.98
N GLY B 249 8.57 -18.97 5.04
CA GLY B 249 9.17 -19.62 3.88
C GLY B 249 10.63 -19.96 4.11
N ARG B 250 11.06 -21.08 3.54
CA ARG B 250 12.43 -21.56 3.69
C ARG B 250 12.97 -22.07 2.37
N LEU B 251 14.03 -21.44 1.87
CA LEU B 251 14.71 -21.91 0.66
C LEU B 251 15.84 -22.86 1.04
N THR B 252 15.61 -24.16 0.85
CA THR B 252 16.54 -25.19 1.31
C THR B 252 17.37 -25.77 0.16
N SER B 253 17.80 -27.01 0.34
CA SER B 253 18.54 -27.80 -0.65
C SER B 253 17.90 -27.73 -2.03
N ASN B 254 18.74 -27.50 -3.04
CA ASN B 254 18.33 -27.43 -4.44
C ASN B 254 17.49 -26.20 -4.79
N ASN B 255 17.48 -25.22 -3.88
CA ASN B 255 16.69 -23.99 -4.02
C ASN B 255 15.17 -24.24 -3.92
N ILE B 256 14.81 -25.28 -3.19
CA ILE B 256 13.41 -25.63 -2.93
C ILE B 256 12.86 -24.75 -1.82
N ILE B 257 11.63 -24.26 -2.00
CA ILE B 257 10.95 -23.48 -0.97
C ILE B 257 9.93 -24.33 -0.20
N GLU B 258 10.16 -24.46 1.11
CA GLU B 258 9.19 -25.03 2.03
C GLU B 258 8.48 -23.87 2.73
N GLU B 259 7.22 -24.09 3.09
CA GLU B 259 6.41 -23.04 3.73
C GLU B 259 5.69 -23.55 4.97
N TYR B 260 6.04 -22.99 6.12
CA TYR B 260 5.48 -23.42 7.40
C TYR B 260 4.38 -22.47 7.82
N PRO B 261 3.17 -22.96 8.03
CA PRO B 261 2.09 -22.10 8.50
C PRO B 261 2.10 -21.73 9.98
N ILE B 262 1.62 -20.53 10.23
CA ILE B 262 1.69 -19.86 11.52
C ILE B 262 0.42 -20.26 12.28
N GLN B 263 -0.71 -20.02 11.63
CA GLN B 263 -2.03 -20.48 12.03
C GLN B 263 -2.60 -19.88 13.30
N ILE B 264 -1.90 -18.94 13.90
CA ILE B 264 -2.58 -17.77 14.42
C ILE B 264 -2.93 -16.88 13.26
N LYS B 265 -4.21 -16.74 13.00
CA LYS B 265 -4.67 -15.93 11.89
C LYS B 265 -4.08 -14.52 11.86
N SER B 266 -3.96 -13.98 10.66
CA SER B 266 -3.62 -12.57 10.42
C SER B 266 -2.62 -11.97 11.41
N ALA B 267 -1.46 -12.61 11.50
CA ALA B 267 -0.42 -12.25 12.48
C ALA B 267 0.57 -11.18 12.01
N GLU B 268 0.71 -11.03 10.70
CA GLU B 268 1.60 -10.04 10.07
C GLU B 268 3.09 -10.20 10.36
N PRO B 269 3.70 -11.30 9.86
CA PRO B 269 5.13 -11.47 10.13
C PRO B 269 5.96 -10.42 9.42
N ALA B 270 6.91 -9.83 10.15
CA ALA B 270 7.74 -8.74 9.65
C ALA B 270 9.21 -9.13 9.62
N GLY B 271 10.02 -8.53 10.51
CA GLY B 271 11.47 -8.79 10.55
C GLY B 271 11.82 -10.20 10.96
N ILE B 272 12.97 -10.68 10.49
CA ILE B 272 13.40 -12.05 10.74
C ILE B 272 14.94 -12.15 10.92
N CYS B 273 15.39 -13.00 11.84
N CYS B 273 15.37 -13.01 11.84
CA CYS B 273 16.82 -13.28 12.02
CA CYS B 273 16.79 -13.24 12.11
C CYS B 273 17.08 -14.68 12.57
C CYS B 273 17.07 -14.67 12.58
N PHE B 274 18.36 -14.98 12.81
CA PHE B 274 18.82 -16.33 13.17
C PHE B 274 19.98 -16.25 14.16
N ASP B 275 19.85 -16.90 15.32
CA ASP B 275 20.91 -16.88 16.33
C ASP B 275 21.84 -18.07 16.30
N GLY B 276 21.61 -18.99 15.37
CA GLY B 276 22.45 -20.19 15.24
C GLY B 276 21.66 -21.46 15.39
N GLU B 277 20.61 -21.40 16.20
CA GLU B 277 19.72 -22.54 16.43
C GLU B 277 18.25 -22.18 16.16
N THR B 278 17.86 -20.96 16.51
CA THR B 278 16.48 -20.52 16.40
C THR B 278 16.26 -19.39 15.38
N ILE B 279 15.37 -19.64 14.43
CA ILE B 279 14.86 -18.60 13.55
C ILE B 279 13.87 -17.77 14.36
N TRP B 280 14.23 -16.50 14.60
CA TRP B 280 13.34 -15.55 15.28
C TRP B 280 12.69 -14.63 14.28
N PHE B 281 11.38 -14.41 14.44
CA PHE B 281 10.68 -13.45 13.58
C PHE B 281 9.60 -12.68 14.34
N ALA B 282 9.48 -11.39 14.01
CA ALA B 282 8.52 -10.49 14.64
C ALA B 282 7.17 -10.51 13.92
N MET B 283 6.09 -10.61 14.68
CA MET B 283 4.74 -10.51 14.12
C MET B 283 4.06 -9.23 14.64
N GLU B 284 3.72 -8.34 13.73
CA GLU B 284 3.12 -7.05 14.08
C GLU B 284 1.92 -7.17 15.01
N CYS B 285 1.19 -8.28 14.89
CA CYS B 285 0.04 -8.49 15.76
C CYS B 285 0.44 -9.07 17.12
N ASP B 286 1.33 -8.34 17.78
CA ASP B 286 1.57 -8.40 19.22
C ASP B 286 2.23 -9.68 19.74
N LYS B 287 2.95 -10.39 18.88
CA LYS B 287 3.73 -11.55 19.31
C LYS B 287 5.01 -11.82 18.53
N ILE B 288 5.82 -12.75 19.05
CA ILE B 288 7.14 -13.04 18.51
C ILE B 288 7.28 -14.53 18.27
N GLY B 289 7.67 -14.88 17.05
CA GLY B 289 7.75 -16.28 16.66
C GLY B 289 9.15 -16.85 16.60
N LYS B 290 9.31 -18.04 17.18
CA LYS B 290 10.56 -18.80 17.13
C LYS B 290 10.35 -20.16 16.48
N LEU B 291 11.34 -20.61 15.71
CA LEU B 291 11.23 -21.84 14.91
C LEU B 291 12.51 -22.69 14.90
N THR B 292 12.47 -23.82 15.60
CA THR B 292 13.62 -24.74 15.68
C THR B 292 13.43 -26.07 14.95
N LEU B 293 14.54 -26.66 14.54
CA LEU B 293 14.59 -27.99 13.92
C LEU B 293 14.51 -29.08 14.99
N ILE B 294 13.72 -30.12 14.72
CA ILE B 294 13.49 -31.21 15.68
C ILE B 294 14.02 -32.51 15.17
N MHW C 1 -28.57 10.30 -13.72
CA MHW C 1 -27.66 10.38 -14.72
C MHW C 1 -26.25 9.99 -14.44
O MHW C 1 -25.39 10.05 -15.34
CB MHW C 1 -28.02 10.80 -16.01
OG1 MHW C 1 -27.13 10.86 -17.00
CG2 MHW C 1 -29.34 11.16 -16.26
CD MHW C 1 -30.22 11.08 -15.24
CE MHW C 1 -29.80 10.65 -14.00
N THR C 2 -25.97 9.60 -13.21
CA THR C 2 -24.69 9.18 -12.72
C THR C 2 -24.47 7.64 -12.74
N DBB C 3 -25.11 6.93 -13.66
CA DBB C 3 -24.99 5.47 -13.83
C DBB C 3 -26.16 4.77 -13.12
O DBB C 3 -27.25 4.74 -13.72
CB DBB C 3 -24.90 5.09 -15.28
CG DBB C 3 -23.70 5.68 -15.98
N PRO C 4 -25.98 4.23 -11.90
CA PRO C 4 -27.09 3.56 -11.21
C PRO C 4 -28.17 4.61 -10.87
N MHU C 5 -29.47 4.30 -10.79
CA MHU C 5 -30.38 5.43 -10.47
C MHU C 5 -30.43 5.71 -8.98
O MHU C 5 -30.79 4.79 -8.26
CB MHU C 5 -31.78 5.35 -11.12
CG MHU C 5 -32.63 6.58 -10.98
CD1 MHU C 5 -32.33 7.72 -11.64
CE1 MHU C 5 -33.12 8.88 -11.53
CZ MHU C 5 -34.26 8.90 -10.72
CE2 MHU C 5 -34.55 7.73 -10.06
CD2 MHU C 5 -33.77 6.61 -10.19
NZ MHU C 5 -35.06 10.07 -10.60
CZ1 MHU C 5 -34.74 11.25 -11.27
CZ2 MHU C 5 -36.23 10.05 -9.76
CM MHU C 5 -30.04 2.94 -11.02
N MHV C 6 -30.08 6.93 -8.45
CA MHV C 6 -29.63 8.16 -9.16
C MHV C 6 -28.29 8.67 -8.62
O MHV C 6 -28.18 9.71 -7.99
CB MHV C 6 -30.74 9.22 -8.98
CG MHV C 6 -31.14 9.41 -7.54
OD1 MHV C 6 -31.39 10.54 -7.12
CD2 MHV C 6 -31.19 8.21 -6.67
CE MHV C 6 -30.17 7.11 -7.01
C 004 C 7 -25.16 9.35 -9.16
N 004 C 7 -27.23 7.92 -8.87
O 004 C 7 -24.38 10.09 -8.60
CA 004 C 7 -25.91 8.26 -8.39
CB 004 C 7 -25.10 6.99 -8.04
CE 004 C 7 -23.81 4.66 -7.29
CD1 004 C 7 -23.24 5.52 -8.10
CD2 004 C 7 -25.04 4.94 -6.83
CG1 004 C 7 -23.88 6.71 -8.49
CG2 004 C 7 -25.66 6.09 -7.20
N1 MHT C 8 -32.81 6.96 -1.23
C2 MHT C 8 -33.11 7.28 -2.62
C3 MHT C 8 -32.94 8.77 -2.93
S3 MHT C 8 -31.54 8.96 -4.09
C4 MHT C 8 -32.71 9.50 -1.57
C5 MHT C 8 -33.91 9.09 -0.66
C6 MHT C 8 -33.90 7.61 -0.38
C7 MHT C 8 -31.53 7.52 -0.66
C8 MHT C 8 -31.46 9.06 -0.84
CM MHT C 8 -32.31 8.31 -5.58
N MHW D 1 0.49 -3.18 4.59
CA MHW D 1 0.57 -3.49 5.90
C MHW D 1 1.92 -3.79 6.47
O MHW D 1 2.02 -4.09 7.67
CB MHW D 1 -0.55 -3.57 6.74
OG1 MHW D 1 -0.44 -3.89 8.03
CG2 MHW D 1 -1.81 -3.30 6.19
CD MHW D 1 -1.87 -2.98 4.89
CE MHW D 1 -0.72 -2.93 4.12
N THR D 2 2.95 -3.70 5.64
CA THR D 2 4.31 -3.95 6.03
C THR D 2 5.12 -2.66 6.37
N DBB D 3 4.47 -1.63 6.93
CA DBB D 3 5.09 -0.35 7.33
C DBB D 3 4.91 0.66 6.20
O DBB D 3 3.82 1.24 6.10
CB DBB D 3 4.54 0.15 8.64
CG DBB D 3 4.79 -0.78 9.78
N PRO D 4 5.94 0.93 5.38
CA PRO D 4 5.80 1.89 4.29
C PRO D 4 4.78 1.33 3.27
N MHU D 5 3.95 2.15 2.59
CA MHU D 5 2.99 1.48 1.66
C MHU D 5 3.70 1.01 0.39
O MHU D 5 4.25 1.87 -0.28
CB MHU D 5 1.73 2.32 1.34
CG MHU D 5 0.68 1.59 0.53
CD1 MHU D 5 -0.07 0.62 1.08
CE1 MHU D 5 -1.06 -0.07 0.36
CZ MHU D 5 -1.31 0.25 -0.97
CE2 MHU D 5 -0.54 1.25 -1.52
CD2 MHU D 5 0.42 1.91 -0.79
NZ MHU D 5 -2.32 -0.45 -1.71
CZ1 MHU D 5 -3.08 -1.46 -1.13
CZ2 MHU D 5 -2.56 -0.11 -3.09
CM MHU D 5 3.95 3.62 2.73
N MHV D 6 3.75 -0.30 0.01
CA MHV D 6 3.17 -1.49 0.68
C MHV D 6 4.22 -2.59 0.87
O MHV D 6 4.20 -3.63 0.24
CB MHV D 6 2.02 -1.96 -0.22
CG MHV D 6 2.45 -2.18 -1.65
OD1 MHV D 6 1.71 -2.80 -2.40
CD2 MHV D 6 3.76 -1.65 -2.11
CE MHV D 6 4.46 -0.60 -1.23
C 004 D 7 5.94 -4.49 2.94
N 004 D 7 5.15 -2.37 1.78
O 004 D 7 6.68 -5.45 2.97
CA 004 D 7 6.21 -3.32 2.01
CB 004 D 7 7.52 -2.57 2.29
CE 004 D 7 9.87 -1.17 2.62
CD1 004 D 7 9.33 -1.83 3.62
CD2 004 D 7 9.26 -1.20 1.42
CG1 004 D 7 8.14 -2.53 3.47
CG2 004 D 7 8.09 -1.89 1.28
N1 MHT D 8 4.59 -0.47 -8.12
C2 MHT D 8 3.51 -1.12 -7.40
C3 MHT D 8 3.99 -2.02 -6.27
S3 MHT D 8 3.32 -1.29 -4.73
C4 MHT D 8 5.55 -2.09 -6.36
C5 MHT D 8 5.85 -2.58 -7.82
C6 MHT D 8 5.34 -1.60 -8.84
C7 MHT D 8 5.67 0.21 -7.30
C8 MHT D 8 6.27 -0.76 -6.24
CM MHT D 8 4.19 -2.27 -3.49
MG MG E . -25.49 10.43 -17.24
MG MG F . -3.61 -9.01 -9.49
O7 DOL G . -26.16 12.65 -23.92
C6 DOL G . -27.08 12.04 -23.47
N5 DOL G . -27.96 12.53 -22.62
C4 DOL G . -28.90 11.61 -22.05
C3 DOL G . -29.65 12.34 -20.96
C2 DOL G . -29.08 13.70 -20.90
S39 DOL G . -29.03 14.53 -19.50
O41 DOL G . -27.81 15.13 -19.48
O40 DOL G . -29.03 13.68 -18.42
C42 DOL G . -29.99 15.79 -19.15
C43 DOL G . -29.11 16.79 -18.43
N44 DOL G . -28.78 16.77 -17.23
C47 DOL G . -27.86 16.08 -16.78
C48 DOL G . -27.07 16.72 -15.66
C45 DOL G . -29.30 17.54 -16.43
C46 DOL G . -28.50 18.74 -15.93
C1 DOL G . -27.75 13.61 -21.60
C8 DOL G . -27.26 10.64 -23.99
C12 DOL G . -28.27 9.73 -23.70
O11 DOL G . -28.04 8.51 -24.47
N9 DOL G . -26.46 10.02 -24.89
C10 DOL G . -26.91 8.80 -25.17
C13 DOL G . -26.25 7.85 -26.13
C14 DOL G . -25.83 8.09 -27.38
O15 DOL G . -24.71 8.37 -27.56
C16 DOL G . -26.54 8.05 -28.49
C17 DOL G . -28.02 8.29 -28.62
O18 DOL G . -28.71 7.42 -29.49
C19 DOL G . -28.42 9.70 -28.97
C20 DOL G . -27.67 10.67 -28.57
C21 DOL G . -26.43 10.37 -27.82
C22 DOL G . -28.01 12.03 -28.86
C23 DOL G . -27.18 12.90 -28.41
C24 DOL G . -27.50 14.31 -28.71
N25 DOL G . -27.86 14.99 -27.53
C26 DOL G . -27.95 16.28 -27.46
O27 DOL G . -27.97 17.04 -28.40
C28 DOL G . -28.00 16.75 -26.34
C29 DOL G . -27.45 16.12 -25.45
C30 DOL G . -27.59 16.78 -24.15
C31 DOL G . -27.90 18.22 -24.46
C32 DOL G . -28.79 16.21 -23.57
C33 DOL G . -29.95 17.08 -23.71
C35 DOL G . -30.24 17.54 -25.11
C34 DOL G . -31.10 16.37 -23.06
O36 DOL G . -28.64 15.82 -22.25
C37 DOL G . -27.48 15.03 -21.96
O38 DOL G . -26.57 15.64 -21.47
MG MG H . 0.67 -4.07 9.25
MG MG I . 29.15 2.59 17.62
O7 DOL J . -4.28 -5.06 14.28
C6 DOL J . -4.55 -4.32 13.35
N5 DOL J . -4.93 -4.63 12.09
C4 DOL J . -5.01 -3.50 11.20
C3 DOL J . -5.22 -3.97 9.79
C2 DOL J . -4.95 -5.44 9.86
S39 DOL J . -4.45 -6.17 8.44
O41 DOL J . -3.15 -6.62 8.57
O40 DOL J . -4.40 -5.16 7.52
C42 DOL J . -5.25 -7.35 7.67
C43 DOL J . -4.21 -7.58 6.60
N44 DOL J . -3.81 -8.70 6.26
C47 DOL J . -2.67 -9.09 6.43
C48 DOL J . -2.10 -9.88 5.29
C45 DOL J . -4.60 -9.47 5.68
C46 DOL J . -4.38 -10.96 5.73
C1 DOL J . -4.60 -5.81 11.28
C8 DOL J . -4.43 -2.85 13.63
C12 DOL J . -4.82 -1.79 12.81
O11 DOL J . -4.50 -0.53 13.49
N9 DOL J . -3.92 -2.30 14.74
C10 DOL J . -3.98 -0.98 14.64
C13 DOL J . -3.50 -0.06 15.69
C14 DOL J . -3.54 -0.14 17.04
O15 DOL J . -3.12 0.72 17.72
C16 DOL J . -3.99 -1.11 17.71
C17 DOL J . -5.20 -0.80 18.41
O18 DOL J . -5.78 0.40 18.03
C19 DOL J . -5.97 -2.00 18.07
C20 DOL J . -7.11 -2.06 17.44
C21 DOL J . -7.89 -0.87 16.99
C22 DOL J . -7.57 -3.41 17.25
C23 DOL J . -8.69 -3.58 16.65
C24 DOL J . -9.14 -4.98 16.48
N25 DOL J . -8.27 -5.66 15.60
C26 DOL J . -8.59 -6.82 15.13
O27 DOL J . -9.42 -7.47 15.72
C28 DOL J . -8.15 -7.16 14.04
C29 DOL J . -9.08 -7.22 13.26
C30 DOL J . -8.83 -7.54 11.87
C31 DOL J . -8.54 -9.00 11.77
C32 DOL J . -7.67 -6.64 11.67
C33 DOL J . -7.41 -6.17 10.29
C35 DOL J . -6.70 -7.20 9.44
C34 DOL J . -8.30 -5.09 9.66
O36 DOL J . -6.55 -7.22 12.22
C37 DOL J . -5.33 -7.08 11.49
O38 DOL J . -4.93 -8.04 10.91
#